data_4F4N
# 
_entry.id   4F4N 
# 
_audit_conform.dict_name       mmcif_pdbx.dic 
_audit_conform.dict_version    5.387 
_audit_conform.dict_location   http://mmcif.pdb.org/dictionaries/ascii/mmcif_pdbx.dic 
# 
loop_
_database_2.database_id 
_database_2.database_code 
_database_2.pdbx_database_accession 
_database_2.pdbx_DOI 
PDB   4F4N         pdb_00004f4n 10.2210/pdb4f4n/pdb 
NDB   NA1772       ?            ?                   
RCSB  RCSB072449   ?            ?                   
WWPDB D_1000072449 ?            ?                   
# 
loop_
_pdbx_audit_revision_history.ordinal 
_pdbx_audit_revision_history.data_content_type 
_pdbx_audit_revision_history.major_revision 
_pdbx_audit_revision_history.minor_revision 
_pdbx_audit_revision_history.revision_date 
1 'Structure model' 1 0 2012-06-13 
2 'Structure model' 1 1 2014-10-08 
3 'Structure model' 1 2 2024-02-28 
# 
_pdbx_audit_revision_details.ordinal             1 
_pdbx_audit_revision_details.revision_ordinal    1 
_pdbx_audit_revision_details.data_content_type   'Structure model' 
_pdbx_audit_revision_details.provider            repository 
_pdbx_audit_revision_details.type                'Initial release' 
_pdbx_audit_revision_details.description         ? 
_pdbx_audit_revision_details.details             ? 
# 
loop_
_pdbx_audit_revision_group.ordinal 
_pdbx_audit_revision_group.revision_ordinal 
_pdbx_audit_revision_group.data_content_type 
_pdbx_audit_revision_group.group 
1 2 'Structure model' 'Database references'  
2 3 'Structure model' 'Data collection'      
3 3 'Structure model' 'Database references'  
4 3 'Structure model' 'Derived calculations' 
# 
loop_
_pdbx_audit_revision_category.ordinal 
_pdbx_audit_revision_category.revision_ordinal 
_pdbx_audit_revision_category.data_content_type 
_pdbx_audit_revision_category.category 
1 3 'Structure model' chem_comp_atom 
2 3 'Structure model' chem_comp_bond 
3 3 'Structure model' database_2     
4 3 'Structure model' struct_conn    
# 
loop_
_pdbx_audit_revision_item.ordinal 
_pdbx_audit_revision_item.revision_ordinal 
_pdbx_audit_revision_item.data_content_type 
_pdbx_audit_revision_item.item 
1 3 'Structure model' '_database_2.pdbx_DOI'                
2 3 'Structure model' '_database_2.pdbx_database_accession' 
3 3 'Structure model' '_struct_conn.pdbx_leaving_atom_flag' 
# 
_pdbx_database_status.status_code                     REL 
_pdbx_database_status.entry_id                        4F4N 
_pdbx_database_status.recvd_initial_deposition_date   2012-05-10 
_pdbx_database_status.deposit_site                    RCSB 
_pdbx_database_status.process_site                    RCSB 
_pdbx_database_status.status_code_sf                  REL 
_pdbx_database_status.status_code_mr                  ? 
_pdbx_database_status.SG_entry                        Y 
_pdbx_database_status.status_code_cs                  ? 
_pdbx_database_status.methods_development_category    ? 
_pdbx_database_status.pdb_format_compatible           Y 
_pdbx_database_status.status_code_nmr_data            ? 
# 
loop_
_audit_author.name 
_audit_author.pdbx_ordinal 
'Zhang, W.' 1 
'Sheng, J.' 2 
'Huang, Z.' 3 
# 
_citation.id                        primary 
_citation.title                     'Crystal structure of 2-se-thymidine derivatized dna 8mer' 
_citation.journal_abbrev            'TO BE PUBLISHED' 
_citation.journal_volume            ? 
_citation.page_first                ? 
_citation.page_last                 ? 
_citation.year                      ? 
_citation.journal_id_ASTM           ? 
_citation.country                   ? 
_citation.journal_id_ISSN           ? 
_citation.journal_id_CSD            0353 
_citation.book_publisher            ? 
_citation.pdbx_database_id_PubMed   ? 
_citation.pdbx_database_id_DOI      ? 
# 
loop_
_citation_author.citation_id 
_citation_author.name 
_citation_author.ordinal 
_citation_author.identifier_ORCID 
primary 'Zhang, W.' 1 ? 
primary 'Sheng, J.' 2 ? 
primary 'Huang, Z.' 3 ? 
# 
loop_
_entity.id 
_entity.type 
_entity.src_method 
_entity.pdbx_description 
_entity.formula_weight 
_entity.pdbx_number_of_molecules 
_entity.pdbx_ec 
_entity.pdbx_mutation 
_entity.pdbx_fragment 
_entity.details 
1 polymer syn "5'-D(*GP*TP*GP*(US3)P*AP*CP*AP*C)-3'" 2489.578 2  ? ? ? '2-SE-THYMIDINE CONTAINING DNA' 
2 water   nat water                                  18.015   74 ? ? ? ?                               
# 
_entity_poly.entity_id                      1 
_entity_poly.type                           polydeoxyribonucleotide 
_entity_poly.nstd_linkage                   no 
_entity_poly.nstd_monomer                   yes 
_entity_poly.pdbx_seq_one_letter_code       '(DG)(DT)(DG)(US3)(DA)(DC)(DA)(DC)' 
_entity_poly.pdbx_seq_one_letter_code_can   GTGTACAC 
_entity_poly.pdbx_strand_id                 A,C 
_entity_poly.pdbx_target_identifier         ? 
# 
_pdbx_entity_nonpoly.entity_id   2 
_pdbx_entity_nonpoly.name        water 
_pdbx_entity_nonpoly.comp_id     HOH 
# 
loop_
_entity_poly_seq.entity_id 
_entity_poly_seq.num 
_entity_poly_seq.mon_id 
_entity_poly_seq.hetero 
1 1 DG  n 
1 2 DT  n 
1 3 DG  n 
1 4 US3 n 
1 5 DA  n 
1 6 DC  n 
1 7 DA  n 
1 8 DC  n 
# 
_pdbx_entity_src_syn.entity_id              1 
_pdbx_entity_src_syn.pdbx_src_id            1 
_pdbx_entity_src_syn.pdbx_alt_source_flag   sample 
_pdbx_entity_src_syn.pdbx_beg_seq_num       ? 
_pdbx_entity_src_syn.pdbx_end_seq_num       ? 
_pdbx_entity_src_syn.organism_scientific    'synthetic construct' 
_pdbx_entity_src_syn.organism_common_name   ? 
_pdbx_entity_src_syn.ncbi_taxonomy_id       32630 
_pdbx_entity_src_syn.details                
'THE 2-SE-THYMIDINE RESIDUE WAS CHEMICALLY SYNTHESIZED AND INCORPORATED INTO DNA OLIGONUCLEOTIDE THROUGH SOLID PHASE SYNTHESIS' 
# 
loop_
_chem_comp.id 
_chem_comp.type 
_chem_comp.mon_nstd_flag 
_chem_comp.name 
_chem_comp.pdbx_synonyms 
_chem_comp.formula 
_chem_comp.formula_weight 
DA  'DNA linking' y "2'-DEOXYADENOSINE-5'-MONOPHOSPHATE"                                                            ? 
'C10 H14 N5 O6 P'    331.222 
DC  'DNA linking' y "2'-DEOXYCYTIDINE-5'-MONOPHOSPHATE"                                                             ? 
'C9 H14 N3 O7 P'     307.197 
DG  'DNA linking' y "2'-DEOXYGUANOSINE-5'-MONOPHOSPHATE"                                                            ? 
'C10 H14 N5 O7 P'    347.221 
DT  'DNA linking' y "THYMIDINE-5'-MONOPHOSPHATE"                                                                    ? 
'C10 H15 N2 O8 P'    322.208 
HOH non-polymer   . WATER                                                                                           ? 'H2 O' 
18.015  
US3 'DNA linking' n '1-(2-deoxy-5-O-phosphono-beta-D-erythro-pentofuranosyl)-5-methyl-2-selanylpyrimidin-4(1H)-one' 
"2-Se-Thymidine-5'-phosphate" 'C10 H15 N2 O7 P Se' 385.169 
# 
loop_
_pdbx_poly_seq_scheme.asym_id 
_pdbx_poly_seq_scheme.entity_id 
_pdbx_poly_seq_scheme.seq_id 
_pdbx_poly_seq_scheme.mon_id 
_pdbx_poly_seq_scheme.ndb_seq_num 
_pdbx_poly_seq_scheme.pdb_seq_num 
_pdbx_poly_seq_scheme.auth_seq_num 
_pdbx_poly_seq_scheme.pdb_mon_id 
_pdbx_poly_seq_scheme.auth_mon_id 
_pdbx_poly_seq_scheme.pdb_strand_id 
_pdbx_poly_seq_scheme.pdb_ins_code 
_pdbx_poly_seq_scheme.hetero 
A 1 1 DG  1 1 1 DG  G   A . n 
A 1 2 DT  2 2 2 DT  T   A . n 
A 1 3 DG  3 3 3 DG  G   A . n 
A 1 4 US3 4 4 4 US3 US3 A . n 
A 1 5 DA  5 5 5 DA  A   A . n 
A 1 6 DC  6 6 6 DC  C   A . n 
A 1 7 DA  7 7 7 DA  A   A . n 
A 1 8 DC  8 8 8 DC  C   A . n 
B 1 1 DG  1 1 1 DG  G   C . n 
B 1 2 DT  2 2 2 DT  T   C . n 
B 1 3 DG  3 3 3 DG  G   C . n 
B 1 4 US3 4 4 4 US3 US3 C . n 
B 1 5 DA  5 5 5 DA  A   C . n 
B 1 6 DC  6 6 6 DC  C   C . n 
B 1 7 DA  7 7 7 DA  A   C . n 
B 1 8 DC  8 8 8 DC  C   C . n 
# 
loop_
_pdbx_nonpoly_scheme.asym_id 
_pdbx_nonpoly_scheme.entity_id 
_pdbx_nonpoly_scheme.mon_id 
_pdbx_nonpoly_scheme.ndb_seq_num 
_pdbx_nonpoly_scheme.pdb_seq_num 
_pdbx_nonpoly_scheme.auth_seq_num 
_pdbx_nonpoly_scheme.pdb_mon_id 
_pdbx_nonpoly_scheme.auth_mon_id 
_pdbx_nonpoly_scheme.pdb_strand_id 
_pdbx_nonpoly_scheme.pdb_ins_code 
C 2 HOH 1  101 1  HOH HOH A . 
C 2 HOH 2  102 3  HOH HOH A . 
C 2 HOH 3  103 5  HOH HOH A . 
C 2 HOH 4  104 6  HOH HOH A . 
C 2 HOH 5  105 7  HOH HOH A . 
C 2 HOH 6  106 8  HOH HOH A . 
C 2 HOH 7  107 9  HOH HOH A . 
C 2 HOH 8  108 10 HOH HOH A . 
C 2 HOH 9  109 12 HOH HOH A . 
C 2 HOH 10 110 15 HOH HOH A . 
C 2 HOH 11 111 16 HOH HOH A . 
C 2 HOH 12 112 19 HOH HOH A . 
C 2 HOH 13 113 20 HOH HOH A . 
C 2 HOH 14 114 21 HOH HOH A . 
C 2 HOH 15 115 22 HOH HOH A . 
C 2 HOH 16 116 25 HOH HOH A . 
C 2 HOH 17 117 26 HOH HOH A . 
C 2 HOH 18 118 30 HOH HOH A . 
C 2 HOH 19 119 33 HOH HOH A . 
C 2 HOH 20 120 35 HOH HOH A . 
C 2 HOH 21 121 36 HOH HOH A . 
C 2 HOH 22 122 37 HOH HOH A . 
C 2 HOH 23 123 38 HOH HOH A . 
C 2 HOH 24 124 39 HOH HOH A . 
C 2 HOH 25 125 42 HOH HOH A . 
C 2 HOH 26 126 43 HOH HOH A . 
C 2 HOH 27 127 44 HOH HOH A . 
C 2 HOH 28 128 45 HOH HOH A . 
C 2 HOH 29 129 46 HOH HOH A . 
C 2 HOH 30 130 48 HOH HOH A . 
C 2 HOH 31 131 58 HOH HOH A . 
C 2 HOH 32 132 59 HOH HOH A . 
C 2 HOH 33 133 60 HOH HOH A . 
C 2 HOH 34 134 62 HOH HOH A . 
C 2 HOH 35 135 68 HOH HOH A . 
C 2 HOH 36 136 69 HOH HOH A . 
C 2 HOH 37 137 70 HOH HOH A . 
C 2 HOH 38 138 72 HOH HOH A . 
C 2 HOH 39 139 73 HOH HOH A . 
C 2 HOH 40 140 74 HOH HOH A . 
C 2 HOH 41 141 76 HOH HOH A . 
C 2 HOH 42 142 77 HOH HOH A . 
C 2 HOH 43 143 78 HOH HOH A . 
D 2 HOH 1  101 2  HOH HOH C . 
D 2 HOH 2  102 4  HOH HOH C . 
D 2 HOH 3  103 11 HOH HOH C . 
D 2 HOH 4  104 13 HOH HOH C . 
D 2 HOH 5  105 14 HOH HOH C . 
D 2 HOH 6  106 17 HOH HOH C . 
D 2 HOH 7  107 18 HOH HOH C . 
D 2 HOH 8  108 23 HOH HOH C . 
D 2 HOH 9  109 24 HOH HOH C . 
D 2 HOH 10 110 27 HOH HOH C . 
D 2 HOH 11 111 28 HOH HOH C . 
D 2 HOH 12 112 29 HOH HOH C . 
D 2 HOH 13 113 31 HOH HOH C . 
D 2 HOH 14 114 32 HOH HOH C . 
D 2 HOH 15 115 34 HOH HOH C . 
D 2 HOH 16 116 40 HOH HOH C . 
D 2 HOH 17 117 41 HOH HOH C . 
D 2 HOH 18 118 47 HOH HOH C . 
D 2 HOH 19 119 49 HOH HOH C . 
D 2 HOH 20 120 50 HOH HOH C . 
D 2 HOH 21 121 51 HOH HOH C . 
D 2 HOH 22 122 52 HOH HOH C . 
D 2 HOH 23 123 55 HOH HOH C . 
D 2 HOH 24 124 56 HOH HOH C . 
D 2 HOH 25 125 61 HOH HOH C . 
D 2 HOH 26 126 64 HOH HOH C . 
D 2 HOH 27 127 65 HOH HOH C . 
D 2 HOH 28 128 66 HOH HOH C . 
D 2 HOH 29 129 67 HOH HOH C . 
D 2 HOH 30 130 71 HOH HOH C . 
D 2 HOH 31 131 75 HOH HOH C . 
# 
_software.name             REFMAC 
_software.classification   refinement 
_software.version          5.5.0110 
_software.citation_id      ? 
_software.pdbx_ordinal     1 
# 
_cell.entry_id           4F4N 
_cell.length_a           44.635 
_cell.length_b           44.635 
_cell.length_c           41.305 
_cell.angle_alpha        90.00 
_cell.angle_beta         90.00 
_cell.angle_gamma        120.00 
_cell.Z_PDB              12 
_cell.pdbx_unique_axis   ? 
_cell.length_a_esd       ? 
_cell.length_b_esd       ? 
_cell.length_c_esd       ? 
_cell.angle_alpha_esd    ? 
_cell.angle_beta_esd     ? 
_cell.angle_gamma_esd    ? 
# 
_symmetry.entry_id                         4F4N 
_symmetry.space_group_name_H-M             'P 61' 
_symmetry.pdbx_full_space_group_name_H-M   ? 
_symmetry.cell_setting                     ? 
_symmetry.Int_Tables_number                169 
_symmetry.space_group_name_Hall            ? 
# 
_exptl.entry_id          4F4N 
_exptl.method            'X-RAY DIFFRACTION' 
_exptl.crystals_number   ? 
# 
_exptl_crystal.id                    1 
_exptl_crystal.density_meas          ? 
_exptl_crystal.density_Matthews      2.36 
_exptl_crystal.density_percent_sol   47.82 
_exptl_crystal.description           ? 
_exptl_crystal.F_000                 ? 
_exptl_crystal.preparation           ? 
# 
_diffrn.id                     1 
_diffrn.ambient_temp           ? 
_diffrn.ambient_temp_details   ? 
_diffrn.crystal_id             1 
# 
_diffrn_detector.diffrn_id              1 
_diffrn_detector.detector               CCD 
_diffrn_detector.type                   'ADSC QUANTUM 210' 
_diffrn_detector.pdbx_collection_date   ? 
_diffrn_detector.details                ? 
# 
_diffrn_radiation.diffrn_id                        1 
_diffrn_radiation.wavelength_id                    1 
_diffrn_radiation.pdbx_monochromatic_or_laue_m_l   M 
_diffrn_radiation.monochromator                    ? 
_diffrn_radiation.pdbx_diffrn_protocol             'SINGLE WAVELENGTH' 
_diffrn_radiation.pdbx_scattering_type             x-ray 
# 
_diffrn_radiation_wavelength.id           1 
_diffrn_radiation_wavelength.wavelength   0.98 
_diffrn_radiation_wavelength.wt           1.0 
# 
_diffrn_source.diffrn_id                   1 
_diffrn_source.source                      SYNCHROTRON 
_diffrn_source.type                        'NSLS BEAMLINE X12C' 
_diffrn_source.pdbx_synchrotron_site       NSLS 
_diffrn_source.pdbx_synchrotron_beamline   X12C 
_diffrn_source.pdbx_wavelength             ? 
_diffrn_source.pdbx_wavelength_list        0.98 
# 
_reflns.entry_id                     4F4N 
_reflns.observed_criterion_sigma_I   ? 
_reflns.observed_criterion_sigma_F   ? 
_reflns.d_resolution_low             18.22 
_reflns.d_resolution_high            1.3 
_reflns.number_obs                   10889 
_reflns.number_all                   193605 
_reflns.percent_possible_obs         ? 
_reflns.pdbx_Rmerge_I_obs            ? 
_reflns.pdbx_Rsym_value              ? 
_reflns.pdbx_netI_over_sigmaI        ? 
_reflns.B_iso_Wilson_estimate        ? 
_reflns.pdbx_redundancy              ? 
_reflns.R_free_details               ? 
_reflns.limit_h_max                  ? 
_reflns.limit_h_min                  ? 
_reflns.limit_k_max                  ? 
_reflns.limit_k_min                  ? 
_reflns.limit_l_max                  ? 
_reflns.limit_l_min                  ? 
_reflns.observed_criterion_F_max     ? 
_reflns.observed_criterion_F_min     ? 
_reflns.pdbx_chi_squared             ? 
_reflns.pdbx_scaling_rejects         ? 
_reflns.pdbx_ordinal                 1 
_reflns.pdbx_diffrn_id               1 
# 
_refine.entry_id                                 4F4N 
_refine.ls_number_reflns_obs                     10318 
_refine.ls_number_reflns_all                     ? 
_refine.pdbx_ls_sigma_I                          ? 
_refine.pdbx_ls_sigma_F                          . 
_refine.pdbx_data_cutoff_high_absF               ? 
_refine.pdbx_data_cutoff_low_absF                ? 
_refine.pdbx_data_cutoff_high_rms_absF           ? 
_refine.ls_d_res_low                             18.22 
_refine.ls_d_res_high                            1.30 
_refine.ls_percent_reflns_obs                    93.84 
_refine.ls_R_factor_obs                          0.15543 
_refine.ls_R_factor_all                          ? 
_refine.ls_R_factor_R_work                       0.15416 
_refine.ls_R_factor_R_free                       0.18111 
_refine.ls_R_factor_R_free_error                 ? 
_refine.ls_R_factor_R_free_error_details         ? 
_refine.ls_percent_reflns_R_free                 4.7 
_refine.ls_number_reflns_R_free                  514 
_refine.ls_number_parameters                     ? 
_refine.ls_number_restraints                     ? 
_refine.occupancy_min                            ? 
_refine.occupancy_max                            ? 
_refine.correlation_coeff_Fo_to_Fc               0.972 
_refine.correlation_coeff_Fo_to_Fc_free          0.949 
_refine.B_iso_mean                               12.491 
_refine.aniso_B[1][1]                            0.00 
_refine.aniso_B[2][2]                            0.00 
_refine.aniso_B[3][3]                            0.00 
_refine.aniso_B[1][2]                            0.00 
_refine.aniso_B[1][3]                            0.00 
_refine.aniso_B[2][3]                            0.00 
_refine.solvent_model_details                    MASK 
_refine.solvent_model_param_ksol                 ? 
_refine.solvent_model_param_bsol                 ? 
_refine.pdbx_solvent_vdw_probe_radii             1.40 
_refine.pdbx_solvent_ion_probe_radii             0.80 
_refine.pdbx_solvent_shrinkage_radii             0.80 
_refine.pdbx_ls_cross_valid_method               THROUGHOUT 
_refine.details                                  'HYDROGENS HAVE BEEN ADDED IN THE RIDING POSITIONS' 
_refine.pdbx_starting_model                      ? 
_refine.pdbx_method_to_determine_struct          'MOLECULAR REPLACEMENT' 
_refine.pdbx_isotropic_thermal_model             ? 
_refine.pdbx_stereochemistry_target_values       'MAXIMUM LIKELIHOOD' 
_refine.pdbx_stereochem_target_val_spec_case     ? 
_refine.pdbx_R_Free_selection_details            RANDOM 
_refine.pdbx_overall_ESU_R                       0.041 
_refine.pdbx_overall_ESU_R_Free                  0.048 
_refine.overall_SU_ML                            0.000 
_refine.pdbx_overall_phase_error                 ? 
_refine.overall_SU_B                             0.004 
_refine.overall_SU_R_Cruickshank_DPI             ? 
_refine.ls_redundancy_reflns_obs                 ? 
_refine.B_iso_min                                ? 
_refine.B_iso_max                                ? 
_refine.overall_SU_R_free                        ? 
_refine.ls_wR_factor_R_free                      ? 
_refine.ls_wR_factor_R_work                      ? 
_refine.overall_FOM_free_R_set                   ? 
_refine.overall_FOM_work_R_set                   ? 
_refine.pdbx_diffrn_id                           1 
_refine.pdbx_refine_id                           'X-RAY DIFFRACTION' 
_refine.pdbx_TLS_residual_ADP_flag               ? 
_refine.pdbx_overall_SU_R_free_Cruickshank_DPI   ? 
_refine.pdbx_overall_SU_R_Blow_DPI               ? 
_refine.pdbx_overall_SU_R_free_Blow_DPI          ? 
# 
_refine_hist.pdbx_refine_id                   'X-RAY DIFFRACTION' 
_refine_hist.cycle_id                         LAST 
_refine_hist.pdbx_number_atoms_protein        0 
_refine_hist.pdbx_number_atoms_nucleic_acid   322 
_refine_hist.pdbx_number_atoms_ligand         0 
_refine_hist.number_atoms_solvent             74 
_refine_hist.number_atoms_total               396 
_refine_hist.d_res_high                       1.30 
_refine_hist.d_res_low                        18.22 
# 
_refine_ls_shell.pdbx_total_number_of_bins_used   20 
_refine_ls_shell.d_res_high                       1.302 
_refine_ls_shell.d_res_low                        1.335 
_refine_ls_shell.number_reflns_R_work             476 
_refine_ls_shell.R_factor_R_work                  0.285 
_refine_ls_shell.percent_reflns_obs               59.98 
_refine_ls_shell.R_factor_R_free                  0.342 
_refine_ls_shell.R_factor_R_free_error            ? 
_refine_ls_shell.percent_reflns_R_free            ? 
_refine_ls_shell.number_reflns_R_free             26 
_refine_ls_shell.number_reflns_all                ? 
_refine_ls_shell.R_factor_all                     ? 
_refine_ls_shell.number_reflns_obs                ? 
_refine_ls_shell.redundancy_reflns_obs            ? 
_refine_ls_shell.pdbx_refine_id                   'X-RAY DIFFRACTION' 
# 
_struct.entry_id                  4F4N 
_struct.title                     'Crystal structure of 2-se-thymidine derivatized dna 8mer' 
_struct.pdbx_model_details        ? 
_struct.pdbx_CASP_flag            ? 
_struct.pdbx_model_type_details   ? 
# 
_struct_keywords.entry_id        4F4N 
_struct_keywords.pdbx_keywords   DNA 
_struct_keywords.text            '2-SE-THYMIDINE DNA, DNA, Structural Genomics' 
# 
loop_
_struct_asym.id 
_struct_asym.pdbx_blank_PDB_chainid_flag 
_struct_asym.pdbx_modified 
_struct_asym.entity_id 
_struct_asym.details 
A N N 1 ? 
B N N 1 ? 
C N N 2 ? 
D N N 2 ? 
# 
_struct_ref.id                         1 
_struct_ref.db_name                    PDB 
_struct_ref.db_code                    4F4N 
_struct_ref.pdbx_db_accession          4F4N 
_struct_ref.entity_id                  1 
_struct_ref.pdbx_align_begin           ? 
_struct_ref.pdbx_seq_one_letter_code   ? 
_struct_ref.pdbx_db_isoform            ? 
# 
loop_
_struct_ref_seq.align_id 
_struct_ref_seq.ref_id 
_struct_ref_seq.pdbx_PDB_id_code 
_struct_ref_seq.pdbx_strand_id 
_struct_ref_seq.seq_align_beg 
_struct_ref_seq.pdbx_seq_align_beg_ins_code 
_struct_ref_seq.seq_align_end 
_struct_ref_seq.pdbx_seq_align_end_ins_code 
_struct_ref_seq.pdbx_db_accession 
_struct_ref_seq.db_align_beg 
_struct_ref_seq.pdbx_db_align_beg_ins_code 
_struct_ref_seq.db_align_end 
_struct_ref_seq.pdbx_db_align_end_ins_code 
_struct_ref_seq.pdbx_auth_seq_align_beg 
_struct_ref_seq.pdbx_auth_seq_align_end 
1 1 4F4N A 1 ? 8 ? 4F4N 1 ? 8 ? 1 8 
2 1 4F4N C 1 ? 8 ? 4F4N 1 ? 8 ? 1 8 
# 
_pdbx_struct_assembly.id                   1 
_pdbx_struct_assembly.details              author_and_software_defined_assembly 
_pdbx_struct_assembly.method_details       PISA 
_pdbx_struct_assembly.oligomeric_details   dimeric 
_pdbx_struct_assembly.oligomeric_count     2 
# 
loop_
_pdbx_struct_assembly_prop.biol_id 
_pdbx_struct_assembly_prop.type 
_pdbx_struct_assembly_prop.value 
_pdbx_struct_assembly_prop.details 
1 'ABSA (A^2)' 1970 ? 
1 MORE         8    ? 
1 'SSA (A^2)'  2780 ? 
# 
_pdbx_struct_assembly_gen.assembly_id       1 
_pdbx_struct_assembly_gen.oper_expression   1 
_pdbx_struct_assembly_gen.asym_id_list      A,B,C,D 
# 
_pdbx_struct_oper_list.id                   1 
_pdbx_struct_oper_list.type                 'identity operation' 
_pdbx_struct_oper_list.name                 1_555 
_pdbx_struct_oper_list.symmetry_operation   x,y,z 
_pdbx_struct_oper_list.matrix[1][1]         1.0000000000 
_pdbx_struct_oper_list.matrix[1][2]         0.0000000000 
_pdbx_struct_oper_list.matrix[1][3]         0.0000000000 
_pdbx_struct_oper_list.vector[1]            0.0000000000 
_pdbx_struct_oper_list.matrix[2][1]         0.0000000000 
_pdbx_struct_oper_list.matrix[2][2]         1.0000000000 
_pdbx_struct_oper_list.matrix[2][3]         0.0000000000 
_pdbx_struct_oper_list.vector[2]            0.0000000000 
_pdbx_struct_oper_list.matrix[3][1]         0.0000000000 
_pdbx_struct_oper_list.matrix[3][2]         0.0000000000 
_pdbx_struct_oper_list.matrix[3][3]         1.0000000000 
_pdbx_struct_oper_list.vector[3]            0.0000000000 
# 
_struct_biol.id        1 
_struct_biol.details   ? 
# 
loop_
_struct_conn.id 
_struct_conn.conn_type_id 
_struct_conn.pdbx_leaving_atom_flag 
_struct_conn.pdbx_PDB_id 
_struct_conn.ptnr1_label_asym_id 
_struct_conn.ptnr1_label_comp_id 
_struct_conn.ptnr1_label_seq_id 
_struct_conn.ptnr1_label_atom_id 
_struct_conn.pdbx_ptnr1_label_alt_id 
_struct_conn.pdbx_ptnr1_PDB_ins_code 
_struct_conn.pdbx_ptnr1_standard_comp_id 
_struct_conn.ptnr1_symmetry 
_struct_conn.ptnr2_label_asym_id 
_struct_conn.ptnr2_label_comp_id 
_struct_conn.ptnr2_label_seq_id 
_struct_conn.ptnr2_label_atom_id 
_struct_conn.pdbx_ptnr2_label_alt_id 
_struct_conn.pdbx_ptnr2_PDB_ins_code 
_struct_conn.ptnr1_auth_asym_id 
_struct_conn.ptnr1_auth_comp_id 
_struct_conn.ptnr1_auth_seq_id 
_struct_conn.ptnr2_auth_asym_id 
_struct_conn.ptnr2_auth_comp_id 
_struct_conn.ptnr2_auth_seq_id 
_struct_conn.ptnr2_symmetry 
_struct_conn.pdbx_ptnr3_label_atom_id 
_struct_conn.pdbx_ptnr3_label_seq_id 
_struct_conn.pdbx_ptnr3_label_comp_id 
_struct_conn.pdbx_ptnr3_label_asym_id 
_struct_conn.pdbx_ptnr3_label_alt_id 
_struct_conn.pdbx_ptnr3_PDB_ins_code 
_struct_conn.details 
_struct_conn.pdbx_dist_value 
_struct_conn.pdbx_value_order 
_struct_conn.pdbx_role 
covale1  covale both ? A DG  3 "O3'" ? ? ? 1_555 A US3 4 P  ? ? A DG  3 A US3 4 1_555 ? ? ? ? ? ? ?            1.582 ? ? 
covale2  covale both ? B DG  3 "O3'" ? ? ? 1_555 B US3 4 P  ? ? C DG  3 C US3 4 1_555 ? ? ? ? ? ? ?            1.601 ? ? 
hydrog1  hydrog ?    ? A DG  1 N1    ? ? ? 1_555 B DC  8 N3 ? ? A DG  1 C DC  8 1_555 ? ? ? ? ? ? WATSON-CRICK ?     ? ? 
hydrog2  hydrog ?    ? A DG  1 N2    ? ? ? 1_555 B DC  8 O2 ? ? A DG  1 C DC  8 1_555 ? ? ? ? ? ? WATSON-CRICK ?     ? ? 
hydrog3  hydrog ?    ? A DG  1 O6    ? ? ? 1_555 B DC  8 N4 ? ? A DG  1 C DC  8 1_555 ? ? ? ? ? ? WATSON-CRICK ?     ? ? 
hydrog4  hydrog ?    ? A DT  2 N3    ? ? ? 1_555 B DA  7 N1 ? ? A DT  2 C DA  7 1_555 ? ? ? ? ? ? WATSON-CRICK ?     ? ? 
hydrog5  hydrog ?    ? A DT  2 O4    ? ? ? 1_555 B DA  7 N6 ? ? A DT  2 C DA  7 1_555 ? ? ? ? ? ? WATSON-CRICK ?     ? ? 
hydrog6  hydrog ?    ? A DG  3 N1    ? ? ? 1_555 B DC  6 N3 ? ? A DG  3 C DC  6 1_555 ? ? ? ? ? ? WATSON-CRICK ?     ? ? 
hydrog7  hydrog ?    ? A DG  3 N2    ? ? ? 1_555 B DC  6 O2 ? ? A DG  3 C DC  6 1_555 ? ? ? ? ? ? WATSON-CRICK ?     ? ? 
hydrog8  hydrog ?    ? A DG  3 O6    ? ? ? 1_555 B DC  6 N4 ? ? A DG  3 C DC  6 1_555 ? ? ? ? ? ? WATSON-CRICK ?     ? ? 
hydrog9  hydrog ?    ? A US3 4 N3    ? ? ? 1_555 B DA  5 N1 ? ? A US3 4 C DA  5 1_555 ? ? ? ? ? ? WATSON-CRICK ?     ? ? 
hydrog10 hydrog ?    ? A US3 4 O4    ? ? ? 1_555 B DA  5 N6 ? ? A US3 4 C DA  5 1_555 ? ? ? ? ? ? WATSON-CRICK ?     ? ? 
hydrog11 hydrog ?    ? A DA  5 N1    ? ? ? 1_555 B US3 4 N3 ? ? A DA  5 C US3 4 1_555 ? ? ? ? ? ? WATSON-CRICK ?     ? ? 
hydrog12 hydrog ?    ? A DA  5 N6    ? ? ? 1_555 B US3 4 O4 ? ? A DA  5 C US3 4 1_555 ? ? ? ? ? ? WATSON-CRICK ?     ? ? 
hydrog13 hydrog ?    ? A DC  6 N3    ? ? ? 1_555 B DG  3 N1 ? ? A DC  6 C DG  3 1_555 ? ? ? ? ? ? WATSON-CRICK ?     ? ? 
hydrog14 hydrog ?    ? A DC  6 N4    ? ? ? 1_555 B DG  3 O6 ? ? A DC  6 C DG  3 1_555 ? ? ? ? ? ? WATSON-CRICK ?     ? ? 
hydrog15 hydrog ?    ? A DC  6 O2    ? ? ? 1_555 B DG  3 N2 ? ? A DC  6 C DG  3 1_555 ? ? ? ? ? ? WATSON-CRICK ?     ? ? 
hydrog16 hydrog ?    ? A DA  7 N1    ? ? ? 1_555 B DT  2 N3 ? ? A DA  7 C DT  2 1_555 ? ? ? ? ? ? WATSON-CRICK ?     ? ? 
hydrog17 hydrog ?    ? A DA  7 N6    ? ? ? 1_555 B DT  2 O4 ? ? A DA  7 C DT  2 1_555 ? ? ? ? ? ? WATSON-CRICK ?     ? ? 
hydrog18 hydrog ?    ? A DC  8 N3    ? ? ? 1_555 B DG  1 N1 ? ? A DC  8 C DG  1 1_555 ? ? ? ? ? ? WATSON-CRICK ?     ? ? 
hydrog19 hydrog ?    ? A DC  8 N4    ? ? ? 1_555 B DG  1 O6 ? ? A DC  8 C DG  1 1_555 ? ? ? ? ? ? WATSON-CRICK ?     ? ? 
hydrog20 hydrog ?    ? A DC  8 O2    ? ? ? 1_555 B DG  1 N2 ? ? A DC  8 C DG  1 1_555 ? ? ? ? ? ? WATSON-CRICK ?     ? ? 
# 
loop_
_struct_conn_type.id 
_struct_conn_type.criteria 
_struct_conn_type.reference 
covale ? ? 
hydrog ? ? 
# 
loop_
_pdbx_validate_close_contact.id 
_pdbx_validate_close_contact.PDB_model_num 
_pdbx_validate_close_contact.auth_atom_id_1 
_pdbx_validate_close_contact.auth_asym_id_1 
_pdbx_validate_close_contact.auth_comp_id_1 
_pdbx_validate_close_contact.auth_seq_id_1 
_pdbx_validate_close_contact.PDB_ins_code_1 
_pdbx_validate_close_contact.label_alt_id_1 
_pdbx_validate_close_contact.auth_atom_id_2 
_pdbx_validate_close_contact.auth_asym_id_2 
_pdbx_validate_close_contact.auth_comp_id_2 
_pdbx_validate_close_contact.auth_seq_id_2 
_pdbx_validate_close_contact.PDB_ins_code_2 
_pdbx_validate_close_contact.label_alt_id_2 
_pdbx_validate_close_contact.dist 
1 1 O   A HOH 134 ? ? O A HOH 137 ? ? 2.03 
2 1 OP1 A DA  7   ? ? O A HOH 137 ? ? 2.17 
# 
loop_
_pdbx_validate_rmsd_bond.id 
_pdbx_validate_rmsd_bond.PDB_model_num 
_pdbx_validate_rmsd_bond.auth_atom_id_1 
_pdbx_validate_rmsd_bond.auth_asym_id_1 
_pdbx_validate_rmsd_bond.auth_comp_id_1 
_pdbx_validate_rmsd_bond.auth_seq_id_1 
_pdbx_validate_rmsd_bond.PDB_ins_code_1 
_pdbx_validate_rmsd_bond.label_alt_id_1 
_pdbx_validate_rmsd_bond.auth_atom_id_2 
_pdbx_validate_rmsd_bond.auth_asym_id_2 
_pdbx_validate_rmsd_bond.auth_comp_id_2 
_pdbx_validate_rmsd_bond.auth_seq_id_2 
_pdbx_validate_rmsd_bond.PDB_ins_code_2 
_pdbx_validate_rmsd_bond.label_alt_id_2 
_pdbx_validate_rmsd_bond.bond_value 
_pdbx_validate_rmsd_bond.bond_target_value 
_pdbx_validate_rmsd_bond.bond_deviation 
_pdbx_validate_rmsd_bond.bond_standard_deviation 
_pdbx_validate_rmsd_bond.linker_flag 
1 1 "C5'" A DC 6 ? ? "C4'" A DC 6 ? ? 1.559 1.512 0.047  0.007 N 
2 1 C6    C DG 3 ? ? N1    C DG 3 ? ? 1.349 1.391 -0.042 0.007 N 
# 
loop_
_pdbx_validate_rmsd_angle.id 
_pdbx_validate_rmsd_angle.PDB_model_num 
_pdbx_validate_rmsd_angle.auth_atom_id_1 
_pdbx_validate_rmsd_angle.auth_asym_id_1 
_pdbx_validate_rmsd_angle.auth_comp_id_1 
_pdbx_validate_rmsd_angle.auth_seq_id_1 
_pdbx_validate_rmsd_angle.PDB_ins_code_1 
_pdbx_validate_rmsd_angle.label_alt_id_1 
_pdbx_validate_rmsd_angle.auth_atom_id_2 
_pdbx_validate_rmsd_angle.auth_asym_id_2 
_pdbx_validate_rmsd_angle.auth_comp_id_2 
_pdbx_validate_rmsd_angle.auth_seq_id_2 
_pdbx_validate_rmsd_angle.PDB_ins_code_2 
_pdbx_validate_rmsd_angle.label_alt_id_2 
_pdbx_validate_rmsd_angle.auth_atom_id_3 
_pdbx_validate_rmsd_angle.auth_asym_id_3 
_pdbx_validate_rmsd_angle.auth_comp_id_3 
_pdbx_validate_rmsd_angle.auth_seq_id_3 
_pdbx_validate_rmsd_angle.PDB_ins_code_3 
_pdbx_validate_rmsd_angle.label_alt_id_3 
_pdbx_validate_rmsd_angle.angle_value 
_pdbx_validate_rmsd_angle.angle_target_value 
_pdbx_validate_rmsd_angle.angle_deviation 
_pdbx_validate_rmsd_angle.angle_standard_deviation 
_pdbx_validate_rmsd_angle.linker_flag 
1  1 "O4'" A DG 3 ? ? "C4'" A DG 3 ? ? "C3'" A DG 3 ? ? 101.34 104.50 -3.16 0.40 N 
2  1 "O4'" A DA 5 ? ? "C1'" A DA 5 ? ? N9    A DA 5 ? ? 110.14 108.30 1.84  0.30 N 
3  1 "O4'" A DC 6 ? ? "C4'" A DC 6 ? ? "C3'" A DC 6 ? ? 98.56  104.50 -5.94 0.40 N 
4  1 "O4'" A DA 7 ? ? "C4'" A DA 7 ? ? "C3'" A DA 7 ? ? 101.32 104.50 -3.18 0.40 N 
5  1 C4    C DG 1 ? ? C5    C DG 1 ? ? N7    C DG 1 ? ? 113.56 110.80 2.76  0.40 N 
6  1 "O4'" C DT 2 ? ? "C4'" C DT 2 ? ? "C3'" C DT 2 ? ? 100.46 104.50 -4.04 0.40 N 
7  1 C6    C DT 2 ? ? N1    C DT 2 ? ? C2    C DT 2 ? ? 117.90 121.30 -3.40 0.50 N 
8  1 C5    C DG 3 ? ? C6    C DG 3 ? ? N1    C DG 3 ? ? 115.24 111.50 3.74  0.50 N 
9  1 N9    C DG 3 ? ? C4    C DG 3 ? ? C5    C DG 3 ? ? 108.04 105.40 2.64  0.40 N 
10 1 C6    C DG 3 ? ? C5    C DG 3 ? ? N7    C DG 3 ? ? 134.37 130.40 3.97  0.60 N 
11 1 C5    C DG 3 ? ? C6    C DG 3 ? ? O6    C DG 3 ? ? 125.00 128.60 -3.60 0.60 N 
12 1 "O4'" C DA 5 ? ? "C4'" C DA 5 ? ? "C3'" C DA 5 ? ? 102.08 104.50 -2.42 0.40 N 
13 1 N1    C DA 5 ? ? C2    C DA 5 ? ? N3    C DA 5 ? ? 125.06 129.30 -4.24 0.50 N 
14 1 "O4'" C DC 6 ? ? "C4'" C DC 6 ? ? "C3'" C DC 6 ? ? 100.55 104.50 -3.95 0.40 N 
15 1 "C3'" C DC 6 ? ? "C2'" C DC 6 ? ? "C1'" C DC 6 ? ? 97.46  102.40 -4.94 0.80 N 
16 1 "O4'" C DC 6 ? ? "C1'" C DC 6 ? ? N1    C DC 6 ? ? 111.39 108.30 3.09  0.30 N 
17 1 C5    C DA 7 ? ? C6    C DA 7 ? ? N1    C DA 7 ? ? 114.65 117.70 -3.05 0.50 N 
18 1 C4    C DA 7 ? ? C5    C DA 7 ? ? N7    C DA 7 ? ? 107.30 110.70 -3.40 0.50 N 
19 1 C5    C DA 7 ? ? N7    C DA 7 ? ? C8    C DA 7 ? ? 109.06 103.90 5.16  0.50 N 
20 1 N7    C DA 7 ? ? C8    C DA 7 ? ? N9    C DA 7 ? ? 109.51 113.80 -4.29 0.50 N 
21 1 N1    C DA 7 ? ? C6    C DA 7 ? ? N6    C DA 7 ? ? 122.22 118.60 3.62  0.60 N 
22 1 "O4'" C DC 8 ? ? "C4'" C DC 8 ? ? "C3'" C DC 8 ? ? 101.86 104.50 -2.64 0.40 N 
# 
loop_
_pdbx_struct_mod_residue.id 
_pdbx_struct_mod_residue.label_asym_id 
_pdbx_struct_mod_residue.label_comp_id 
_pdbx_struct_mod_residue.label_seq_id 
_pdbx_struct_mod_residue.auth_asym_id 
_pdbx_struct_mod_residue.auth_comp_id 
_pdbx_struct_mod_residue.auth_seq_id 
_pdbx_struct_mod_residue.PDB_ins_code 
_pdbx_struct_mod_residue.parent_comp_id 
_pdbx_struct_mod_residue.details 
1 A US3 4 A US3 4 ? DT ? 
2 B US3 4 C US3 4 ? DT ? 
# 
loop_
_chem_comp_atom.comp_id 
_chem_comp_atom.atom_id 
_chem_comp_atom.type_symbol 
_chem_comp_atom.pdbx_aromatic_flag 
_chem_comp_atom.pdbx_stereo_config 
_chem_comp_atom.pdbx_ordinal 
DA  OP3    O  N N 1   
DA  P      P  N N 2   
DA  OP1    O  N N 3   
DA  OP2    O  N N 4   
DA  "O5'"  O  N N 5   
DA  "C5'"  C  N N 6   
DA  "C4'"  C  N R 7   
DA  "O4'"  O  N N 8   
DA  "C3'"  C  N S 9   
DA  "O3'"  O  N N 10  
DA  "C2'"  C  N N 11  
DA  "C1'"  C  N R 12  
DA  N9     N  Y N 13  
DA  C8     C  Y N 14  
DA  N7     N  Y N 15  
DA  C5     C  Y N 16  
DA  C6     C  Y N 17  
DA  N6     N  N N 18  
DA  N1     N  Y N 19  
DA  C2     C  Y N 20  
DA  N3     N  Y N 21  
DA  C4     C  Y N 22  
DA  HOP3   H  N N 23  
DA  HOP2   H  N N 24  
DA  "H5'"  H  N N 25  
DA  "H5''" H  N N 26  
DA  "H4'"  H  N N 27  
DA  "H3'"  H  N N 28  
DA  "HO3'" H  N N 29  
DA  "H2'"  H  N N 30  
DA  "H2''" H  N N 31  
DA  "H1'"  H  N N 32  
DA  H8     H  N N 33  
DA  H61    H  N N 34  
DA  H62    H  N N 35  
DA  H2     H  N N 36  
DC  OP3    O  N N 37  
DC  P      P  N N 38  
DC  OP1    O  N N 39  
DC  OP2    O  N N 40  
DC  "O5'"  O  N N 41  
DC  "C5'"  C  N N 42  
DC  "C4'"  C  N R 43  
DC  "O4'"  O  N N 44  
DC  "C3'"  C  N S 45  
DC  "O3'"  O  N N 46  
DC  "C2'"  C  N N 47  
DC  "C1'"  C  N R 48  
DC  N1     N  N N 49  
DC  C2     C  N N 50  
DC  O2     O  N N 51  
DC  N3     N  N N 52  
DC  C4     C  N N 53  
DC  N4     N  N N 54  
DC  C5     C  N N 55  
DC  C6     C  N N 56  
DC  HOP3   H  N N 57  
DC  HOP2   H  N N 58  
DC  "H5'"  H  N N 59  
DC  "H5''" H  N N 60  
DC  "H4'"  H  N N 61  
DC  "H3'"  H  N N 62  
DC  "HO3'" H  N N 63  
DC  "H2'"  H  N N 64  
DC  "H2''" H  N N 65  
DC  "H1'"  H  N N 66  
DC  H41    H  N N 67  
DC  H42    H  N N 68  
DC  H5     H  N N 69  
DC  H6     H  N N 70  
DG  OP3    O  N N 71  
DG  P      P  N N 72  
DG  OP1    O  N N 73  
DG  OP2    O  N N 74  
DG  "O5'"  O  N N 75  
DG  "C5'"  C  N N 76  
DG  "C4'"  C  N R 77  
DG  "O4'"  O  N N 78  
DG  "C3'"  C  N S 79  
DG  "O3'"  O  N N 80  
DG  "C2'"  C  N N 81  
DG  "C1'"  C  N R 82  
DG  N9     N  Y N 83  
DG  C8     C  Y N 84  
DG  N7     N  Y N 85  
DG  C5     C  Y N 86  
DG  C6     C  N N 87  
DG  O6     O  N N 88  
DG  N1     N  N N 89  
DG  C2     C  N N 90  
DG  N2     N  N N 91  
DG  N3     N  N N 92  
DG  C4     C  Y N 93  
DG  HOP3   H  N N 94  
DG  HOP2   H  N N 95  
DG  "H5'"  H  N N 96  
DG  "H5''" H  N N 97  
DG  "H4'"  H  N N 98  
DG  "H3'"  H  N N 99  
DG  "HO3'" H  N N 100 
DG  "H2'"  H  N N 101 
DG  "H2''" H  N N 102 
DG  "H1'"  H  N N 103 
DG  H8     H  N N 104 
DG  H1     H  N N 105 
DG  H21    H  N N 106 
DG  H22    H  N N 107 
DT  OP3    O  N N 108 
DT  P      P  N N 109 
DT  OP1    O  N N 110 
DT  OP2    O  N N 111 
DT  "O5'"  O  N N 112 
DT  "C5'"  C  N N 113 
DT  "C4'"  C  N R 114 
DT  "O4'"  O  N N 115 
DT  "C3'"  C  N S 116 
DT  "O3'"  O  N N 117 
DT  "C2'"  C  N N 118 
DT  "C1'"  C  N R 119 
DT  N1     N  N N 120 
DT  C2     C  N N 121 
DT  O2     O  N N 122 
DT  N3     N  N N 123 
DT  C4     C  N N 124 
DT  O4     O  N N 125 
DT  C5     C  N N 126 
DT  C7     C  N N 127 
DT  C6     C  N N 128 
DT  HOP3   H  N N 129 
DT  HOP2   H  N N 130 
DT  "H5'"  H  N N 131 
DT  "H5''" H  N N 132 
DT  "H4'"  H  N N 133 
DT  "H3'"  H  N N 134 
DT  "HO3'" H  N N 135 
DT  "H2'"  H  N N 136 
DT  "H2''" H  N N 137 
DT  "H1'"  H  N N 138 
DT  H3     H  N N 139 
DT  H71    H  N N 140 
DT  H72    H  N N 141 
DT  H73    H  N N 142 
DT  H6     H  N N 143 
HOH O      O  N N 144 
HOH H1     H  N N 145 
HOH H2     H  N N 146 
US3 P      P  N N 147 
US3 N1     N  N N 148 
US3 C2     C  N N 149 
US3 SE2    SE N N 150 
US3 N3     N  N N 151 
US3 C4     C  N N 152 
US3 O4     O  N N 153 
US3 C5     C  N N 154 
US3 C6     C  N N 155 
US3 "C1'"  C  N R 156 
US3 OP3    O  N N 157 
US3 "C2'"  C  N N 158 
US3 OP2    O  N N 159 
US3 "C3'"  C  N S 160 
US3 "O3'"  O  N N 161 
US3 "C4'"  C  N R 162 
US3 "O4'"  O  N N 163 
US3 "C5'"  C  N N 164 
US3 "O5'"  O  N N 165 
US3 C5A    C  N N 166 
US3 H6     H  N N 167 
US3 "H1'"  H  N N 168 
US3 HOP3   H  N N 169 
US3 "H2'"  H  N N 170 
US3 "H2'A" H  N N 171 
US3 HOP2   H  N N 172 
US3 "H3'"  H  N N 173 
US3 "HO3'" H  N N 174 
US3 "H4'"  H  N N 175 
US3 "H5'"  H  N N 176 
US3 "H5'A" H  N N 177 
US3 H5A    H  N N 178 
US3 H5AA   H  N N 179 
US3 H5AB   H  N N 180 
US3 HSE2   H  N N 181 
US3 OP1    O  N N 182 
# 
loop_
_chem_comp_bond.comp_id 
_chem_comp_bond.atom_id_1 
_chem_comp_bond.atom_id_2 
_chem_comp_bond.value_order 
_chem_comp_bond.pdbx_aromatic_flag 
_chem_comp_bond.pdbx_stereo_config 
_chem_comp_bond.pdbx_ordinal 
DA  OP3   P      sing N N 1   
DA  OP3   HOP3   sing N N 2   
DA  P     OP1    doub N N 3   
DA  P     OP2    sing N N 4   
DA  P     "O5'"  sing N N 5   
DA  OP2   HOP2   sing N N 6   
DA  "O5'" "C5'"  sing N N 7   
DA  "C5'" "C4'"  sing N N 8   
DA  "C5'" "H5'"  sing N N 9   
DA  "C5'" "H5''" sing N N 10  
DA  "C4'" "O4'"  sing N N 11  
DA  "C4'" "C3'"  sing N N 12  
DA  "C4'" "H4'"  sing N N 13  
DA  "O4'" "C1'"  sing N N 14  
DA  "C3'" "O3'"  sing N N 15  
DA  "C3'" "C2'"  sing N N 16  
DA  "C3'" "H3'"  sing N N 17  
DA  "O3'" "HO3'" sing N N 18  
DA  "C2'" "C1'"  sing N N 19  
DA  "C2'" "H2'"  sing N N 20  
DA  "C2'" "H2''" sing N N 21  
DA  "C1'" N9     sing N N 22  
DA  "C1'" "H1'"  sing N N 23  
DA  N9    C8     sing Y N 24  
DA  N9    C4     sing Y N 25  
DA  C8    N7     doub Y N 26  
DA  C8    H8     sing N N 27  
DA  N7    C5     sing Y N 28  
DA  C5    C6     sing Y N 29  
DA  C5    C4     doub Y N 30  
DA  C6    N6     sing N N 31  
DA  C6    N1     doub Y N 32  
DA  N6    H61    sing N N 33  
DA  N6    H62    sing N N 34  
DA  N1    C2     sing Y N 35  
DA  C2    N3     doub Y N 36  
DA  C2    H2     sing N N 37  
DA  N3    C4     sing Y N 38  
DC  OP3   P      sing N N 39  
DC  OP3   HOP3   sing N N 40  
DC  P     OP1    doub N N 41  
DC  P     OP2    sing N N 42  
DC  P     "O5'"  sing N N 43  
DC  OP2   HOP2   sing N N 44  
DC  "O5'" "C5'"  sing N N 45  
DC  "C5'" "C4'"  sing N N 46  
DC  "C5'" "H5'"  sing N N 47  
DC  "C5'" "H5''" sing N N 48  
DC  "C4'" "O4'"  sing N N 49  
DC  "C4'" "C3'"  sing N N 50  
DC  "C4'" "H4'"  sing N N 51  
DC  "O4'" "C1'"  sing N N 52  
DC  "C3'" "O3'"  sing N N 53  
DC  "C3'" "C2'"  sing N N 54  
DC  "C3'" "H3'"  sing N N 55  
DC  "O3'" "HO3'" sing N N 56  
DC  "C2'" "C1'"  sing N N 57  
DC  "C2'" "H2'"  sing N N 58  
DC  "C2'" "H2''" sing N N 59  
DC  "C1'" N1     sing N N 60  
DC  "C1'" "H1'"  sing N N 61  
DC  N1    C2     sing N N 62  
DC  N1    C6     sing N N 63  
DC  C2    O2     doub N N 64  
DC  C2    N3     sing N N 65  
DC  N3    C4     doub N N 66  
DC  C4    N4     sing N N 67  
DC  C4    C5     sing N N 68  
DC  N4    H41    sing N N 69  
DC  N4    H42    sing N N 70  
DC  C5    C6     doub N N 71  
DC  C5    H5     sing N N 72  
DC  C6    H6     sing N N 73  
DG  OP3   P      sing N N 74  
DG  OP3   HOP3   sing N N 75  
DG  P     OP1    doub N N 76  
DG  P     OP2    sing N N 77  
DG  P     "O5'"  sing N N 78  
DG  OP2   HOP2   sing N N 79  
DG  "O5'" "C5'"  sing N N 80  
DG  "C5'" "C4'"  sing N N 81  
DG  "C5'" "H5'"  sing N N 82  
DG  "C5'" "H5''" sing N N 83  
DG  "C4'" "O4'"  sing N N 84  
DG  "C4'" "C3'"  sing N N 85  
DG  "C4'" "H4'"  sing N N 86  
DG  "O4'" "C1'"  sing N N 87  
DG  "C3'" "O3'"  sing N N 88  
DG  "C3'" "C2'"  sing N N 89  
DG  "C3'" "H3'"  sing N N 90  
DG  "O3'" "HO3'" sing N N 91  
DG  "C2'" "C1'"  sing N N 92  
DG  "C2'" "H2'"  sing N N 93  
DG  "C2'" "H2''" sing N N 94  
DG  "C1'" N9     sing N N 95  
DG  "C1'" "H1'"  sing N N 96  
DG  N9    C8     sing Y N 97  
DG  N9    C4     sing Y N 98  
DG  C8    N7     doub Y N 99  
DG  C8    H8     sing N N 100 
DG  N7    C5     sing Y N 101 
DG  C5    C6     sing N N 102 
DG  C5    C4     doub Y N 103 
DG  C6    O6     doub N N 104 
DG  C6    N1     sing N N 105 
DG  N1    C2     sing N N 106 
DG  N1    H1     sing N N 107 
DG  C2    N2     sing N N 108 
DG  C2    N3     doub N N 109 
DG  N2    H21    sing N N 110 
DG  N2    H22    sing N N 111 
DG  N3    C4     sing N N 112 
DT  OP3   P      sing N N 113 
DT  OP3   HOP3   sing N N 114 
DT  P     OP1    doub N N 115 
DT  P     OP2    sing N N 116 
DT  P     "O5'"  sing N N 117 
DT  OP2   HOP2   sing N N 118 
DT  "O5'" "C5'"  sing N N 119 
DT  "C5'" "C4'"  sing N N 120 
DT  "C5'" "H5'"  sing N N 121 
DT  "C5'" "H5''" sing N N 122 
DT  "C4'" "O4'"  sing N N 123 
DT  "C4'" "C3'"  sing N N 124 
DT  "C4'" "H4'"  sing N N 125 
DT  "O4'" "C1'"  sing N N 126 
DT  "C3'" "O3'"  sing N N 127 
DT  "C3'" "C2'"  sing N N 128 
DT  "C3'" "H3'"  sing N N 129 
DT  "O3'" "HO3'" sing N N 130 
DT  "C2'" "C1'"  sing N N 131 
DT  "C2'" "H2'"  sing N N 132 
DT  "C2'" "H2''" sing N N 133 
DT  "C1'" N1     sing N N 134 
DT  "C1'" "H1'"  sing N N 135 
DT  N1    C2     sing N N 136 
DT  N1    C6     sing N N 137 
DT  C2    O2     doub N N 138 
DT  C2    N3     sing N N 139 
DT  N3    C4     sing N N 140 
DT  N3    H3     sing N N 141 
DT  C4    O4     doub N N 142 
DT  C4    C5     sing N N 143 
DT  C5    C7     sing N N 144 
DT  C5    C6     doub N N 145 
DT  C7    H71    sing N N 146 
DT  C7    H72    sing N N 147 
DT  C7    H73    sing N N 148 
DT  C6    H6     sing N N 149 
HOH O     H1     sing N N 150 
HOH O     H2     sing N N 151 
US3 P     OP2    sing N N 152 
US3 N1    "C1'"  sing N N 153 
US3 N1    C6     sing N N 154 
US3 C2    N1     sing N N 155 
US3 C2    N3     doub N N 156 
US3 SE2   C2     sing N N 157 
US3 SE2   HSE2   sing N N 158 
US3 N3    C4     sing N N 159 
US3 C4    O4     doub N N 160 
US3 C4    C5     sing N N 161 
US3 C5    C5A    sing N N 162 
US3 C6    C5     doub N N 163 
US3 C6    H6     sing N N 164 
US3 "C1'" "O4'"  sing N N 165 
US3 "C1'" "H1'"  sing N N 166 
US3 OP3   P      sing N N 167 
US3 OP3   HOP3   sing N N 168 
US3 "C2'" "C1'"  sing N N 169 
US3 "C2'" "C3'"  sing N N 170 
US3 "C2'" "H2'"  sing N N 171 
US3 "C2'" "H2'A" sing N N 172 
US3 OP2   HOP2   sing N N 173 
US3 "C3'" "C4'"  sing N N 174 
US3 "C3'" "H3'"  sing N N 175 
US3 "O3'" "C3'"  sing N N 176 
US3 "O3'" "HO3'" sing N N 177 
US3 "C4'" "O4'"  sing N N 178 
US3 "C4'" "C5'"  sing N N 179 
US3 "C4'" "H4'"  sing N N 180 
US3 "C5'" "O5'"  sing N N 181 
US3 "C5'" "H5'"  sing N N 182 
US3 "C5'" "H5'A" sing N N 183 
US3 "O5'" P      sing N N 184 
US3 C5A   H5A    sing N N 185 
US3 C5A   H5AA   sing N N 186 
US3 C5A   H5AB   sing N N 187 
US3 P     OP1    doub N N 188 
# 
_ndb_struct_conf_na.entry_id   4F4N 
_ndb_struct_conf_na.feature    'a-form double helix' 
# 
_atom_sites.entry_id                    4F4N 
_atom_sites.fract_transf_matrix[1][1]   -0.00906173 
_atom_sites.fract_transf_matrix[1][2]   -0.02332359 
_atom_sites.fract_transf_matrix[1][3]   0.00656877 
_atom_sites.fract_transf_matrix[2][1]   0.00260937 
_atom_sites.fract_transf_matrix[2][2]   -0.01994325 
_atom_sites.fract_transf_matrix[2][3]   -0.01627006 
_atom_sites.fract_transf_matrix[3][1]   0.02132311 
_atom_sites.fract_transf_matrix[3][2]   -0.00544250 
_atom_sites.fract_transf_matrix[3][3]   0.01009100 
_atom_sites.fract_transf_vector[1]      0.436352 
_atom_sites.fract_transf_vector[2]      -0.042357 
_atom_sites.fract_transf_vector[3]      -0.123031 
# 
loop_
_atom_type.symbol 
C  
N  
O  
P  
SE 
# 
loop_
_atom_site.group_PDB 
_atom_site.id 
_atom_site.type_symbol 
_atom_site.label_atom_id 
_atom_site.label_alt_id 
_atom_site.label_comp_id 
_atom_site.label_asym_id 
_atom_site.label_entity_id 
_atom_site.label_seq_id 
_atom_site.pdbx_PDB_ins_code 
_atom_site.Cartn_x 
_atom_site.Cartn_y 
_atom_site.Cartn_z 
_atom_site.occupancy 
_atom_site.B_iso_or_equiv 
_atom_site.pdbx_formal_charge 
_atom_site.auth_seq_id 
_atom_site.auth_comp_id 
_atom_site.auth_asym_id 
_atom_site.auth_atom_id 
_atom_site.pdbx_PDB_model_num 
ATOM   1   O  "O5'" . DG  A 1 1 ? 4.300   10.710  5.211   1.00 10.62 ? 1   DG  A "O5'" 1 
ATOM   2   C  "C5'" . DG  A 1 1 ? 3.991   11.323  6.462   1.00 10.84 ? 1   DG  A "C5'" 1 
ATOM   3   C  "C4'" . DG  A 1 1 ? 2.530   11.815  6.451   1.00 8.72  ? 1   DG  A "C4'" 1 
ATOM   4   O  "O4'" . DG  A 1 1 ? 2.240   12.816  5.407   1.00 9.35  ? 1   DG  A "O4'" 1 
ATOM   5   C  "C3'" . DG  A 1 1 ? 1.444   10.743  6.221   1.00 7.96  ? 1   DG  A "C3'" 1 
ATOM   6   O  "O3'" . DG  A 1 1 ? 1.302   10.010  7.431   1.00 9.10  ? 1   DG  A "O3'" 1 
ATOM   7   C  "C2'" . DG  A 1 1 ? 0.228   11.619  5.849   1.00 8.87  ? 1   DG  A "C2'" 1 
ATOM   8   C  "C1'" . DG  A 1 1 ? 0.920   12.694  4.923   1.00 8.76  ? 1   DG  A "C1'" 1 
ATOM   9   N  N9    . DG  A 1 1 ? 1.040   12.195  3.552   1.00 7.49  ? 1   DG  A N9    1 
ATOM   10  C  C8    . DG  A 1 1 ? 2.180   11.781  2.857   1.00 8.50  ? 1   DG  A C8    1 
ATOM   11  N  N7    . DG  A 1 1 ? 1.902   11.300  1.656   1.00 7.93  ? 1   DG  A N7    1 
ATOM   12  C  C5    . DG  A 1 1 ? 0.507   11.314  1.571   1.00 7.50  ? 1   DG  A C5    1 
ATOM   13  C  C6    . DG  A 1 1 ? -0.355  10.913  0.520   1.00 8.58  ? 1   DG  A C6    1 
ATOM   14  O  O6    . DG  A 1 1 ? -0.069  10.361  -0.535  1.00 8.94  ? 1   DG  A O6    1 
ATOM   15  N  N1    . DG  A 1 1 ? -1.714  11.137  0.856   1.00 8.38  ? 1   DG  A N1    1 
ATOM   16  C  C2    . DG  A 1 1 ? -2.124  11.700  2.016   1.00 7.35  ? 1   DG  A C2    1 
ATOM   17  N  N2    . DG  A 1 1 ? -3.447  11.831  2.146   1.00 9.10  ? 1   DG  A N2    1 
ATOM   18  N  N3    . DG  A 1 1 ? -1.348  12.131  2.989   1.00 8.06  ? 1   DG  A N3    1 
ATOM   19  C  C4    . DG  A 1 1 ? -0.033  11.880  2.710   1.00 7.82  ? 1   DG  A C4    1 
ATOM   20  P  P     . DT  A 1 2 ? 0.841   8.494   7.418   1.00 9.97  ? 2   DT  A P     1 
ATOM   21  O  OP1   . DT  A 1 2 ? 0.854   8.098   8.876   1.00 11.21 ? 2   DT  A OP1   1 
ATOM   22  O  OP2   . DT  A 1 2 ? 1.573   7.717   6.434   1.00 10.94 ? 2   DT  A OP2   1 
ATOM   23  O  "O5'" . DT  A 1 2 ? -0.675  8.522   6.913   1.00 9.69  ? 2   DT  A "O5'" 1 
ATOM   24  C  "C5'" . DT  A 1 2 ? -1.664  9.111   7.686   1.00 9.77  ? 2   DT  A "C5'" 1 
ATOM   25  C  "C4'" . DT  A 1 2 ? -2.985  9.096   6.899   1.00 9.89  ? 2   DT  A "C4'" 1 
ATOM   26  O  "O4'" . DT  A 1 2 ? -2.864  9.845   5.666   1.00 8.62  ? 2   DT  A "O4'" 1 
ATOM   27  C  "C3'" . DT  A 1 2 ? -3.471  7.714   6.428   1.00 10.17 ? 2   DT  A "C3'" 1 
ATOM   28  O  "O3'" . DT  A 1 2 ? -4.119  7.042   7.514   1.00 9.92  ? 2   DT  A "O3'" 1 
ATOM   29  C  "C2'" . DT  A 1 2 ? -4.437  8.101   5.294   1.00 8.62  ? 2   DT  A "C2'" 1 
ATOM   30  C  "C1'" . DT  A 1 2 ? -3.651  9.240   4.656   1.00 8.36  ? 2   DT  A "C1'" 1 
ATOM   31  N  N1    . DT  A 1 2 ? -2.749  8.745   3.592   1.00 8.14  ? 2   DT  A N1    1 
ATOM   32  C  C2    . DT  A 1 2 ? -3.339  8.417   2.364   1.00 7.80  ? 2   DT  A C2    1 
ATOM   33  O  O2    . DT  A 1 2 ? -4.548  8.424   2.186   1.00 8.17  ? 2   DT  A O2    1 
ATOM   34  N  N3    . DT  A 1 2 ? -2.475  7.890   1.410   1.00 8.16  ? 2   DT  A N3    1 
ATOM   35  C  C4    . DT  A 1 2 ? -1.127  7.727   1.552   1.00 9.05  ? 2   DT  A C4    1 
ATOM   36  O  O4    . DT  A 1 2 ? -0.458  7.292   0.630   1.00 9.91  ? 2   DT  A O4    1 
ATOM   37  C  C5    . DT  A 1 2 ? -0.546  8.101   2.841   1.00 8.39  ? 2   DT  A C5    1 
ATOM   38  C  C7    . DT  A 1 2 ? 0.945   7.990   2.988   1.00 9.95  ? 2   DT  A C7    1 
ATOM   39  C  C6    . DT  A 1 2 ? -1.364  8.606   3.752   1.00 7.87  ? 2   DT  A C6    1 
ATOM   40  P  P     . DG  A 1 3 ? -4.066  5.458   7.559   1.00 11.09 ? 3   DG  A P     1 
ATOM   41  O  OP1   . DG  A 1 3 ? -4.761  5.109   8.877   1.00 14.92 ? 3   DG  A OP1   1 
ATOM   42  O  OP2   . DG  A 1 3 ? -2.767  5.009   7.279   1.00 11.35 ? 3   DG  A OP2   1 
ATOM   43  O  "O5'" . DG  A 1 3 ? -4.939  4.943   6.358   1.00 9.03  ? 3   DG  A "O5'" 1 
ATOM   44  C  "C5'" . DG  A 1 3 ? -6.371  5.158   6.412   1.00 10.56 ? 3   DG  A "C5'" 1 
ATOM   45  C  "C4'" . DG  A 1 3 ? -7.003  4.908   5.097   1.00 8.85  ? 3   DG  A "C4'" 1 
ATOM   46  O  "O4'" . DG  A 1 3 ? -6.380  5.700   4.063   1.00 8.42  ? 3   DG  A "O4'" 1 
ATOM   47  C  "C3'" . DG  A 1 3 ? -6.796  3.462   4.543   1.00 9.25  ? 3   DG  A "C3'" 1 
ATOM   48  O  "O3'" . DG  A 1 3 ? -7.688  2.608   5.251   1.00 10.14 ? 3   DG  A "O3'" 1 
ATOM   49  C  "C2'" . DG  A 1 3 ? -7.111  3.653   3.061   1.00 9.36  ? 3   DG  A "C2'" 1 
ATOM   50  C  "C1'" . DG  A 1 3 ? -6.426  4.998   2.815   1.00 9.34  ? 3   DG  A "C1'" 1 
ATOM   51  N  N9    . DG  A 1 3 ? -5.033  4.796   2.346   1.00 8.42  ? 3   DG  A N9    1 
ATOM   52  C  C8    . DG  A 1 3 ? -3.850  4.966   3.028   1.00 7.88  ? 3   DG  A C8    1 
ATOM   53  N  N7    . DG  A 1 3 ? -2.808  4.746   2.266   1.00 8.20  ? 3   DG  A N7    1 
ATOM   54  C  C5    . DG  A 1 3 ? -3.339  4.450   1.029   1.00 8.19  ? 3   DG  A C5    1 
ATOM   55  C  C6    . DG  A 1 3 ? -2.714  4.124   -0.191  1.00 7.70  ? 3   DG  A C6    1 
ATOM   56  O  O6    . DG  A 1 3 ? -1.479  4.092   -0.474  1.00 8.97  ? 3   DG  A O6    1 
ATOM   57  N  N1    . DG  A 1 3 ? -3.627  3.864   -1.219  1.00 9.42  ? 3   DG  A N1    1 
ATOM   58  C  C2    . DG  A 1 3 ? -4.962  3.918   -1.102  1.00 7.64  ? 3   DG  A C2    1 
ATOM   59  N  N2    . DG  A 1 3 ? -5.735  3.635   -2.159  1.00 8.61  ? 3   DG  A N2    1 
ATOM   60  N  N3    . DG  A 1 3 ? -5.552  4.201   0.059   1.00 8.48  ? 3   DG  A N3    1 
ATOM   61  C  C4    . DG  A 1 3 ? -4.683  4.434   1.061   1.00 7.79  ? 3   DG  A C4    1 
HETATM 62  P  P     . US3 A 1 4 ? -7.451  1.050   5.388   1.00 9.94  ? 4   US3 A P     1 
HETATM 63  N  N1    . US3 A 1 4 ? -6.327  0.427   0.145   1.00 7.00  ? 4   US3 A N1    1 
HETATM 64  C  C2    . US3 A 1 4 ? -5.565  0.218   -1.044  1.00 6.94  ? 4   US3 A C2    1 
HETATM 65  SE SE2   . US3 A 1 4 ? -6.269  -0.276  -2.580  1.00 12.64 ? 4   US3 A SE2   1 
HETATM 66  N  N3    . US3 A 1 4 ? -4.230  0.444   -0.875  1.00 7.08  ? 4   US3 A N3    1 
HETATM 67  C  C4    . US3 A 1 4 ? -3.610  0.796   0.265   1.00 7.07  ? 4   US3 A C4    1 
HETATM 68  O  O4    . US3 A 1 4 ? -2.406  0.975   0.328   1.00 7.85  ? 4   US3 A O4    1 
HETATM 69  C  C5    . US3 A 1 4 ? -4.434  0.919   1.496   1.00 7.96  ? 4   US3 A C5    1 
HETATM 70  C  C6    . US3 A 1 4 ? -5.759  0.697   1.381   1.00 7.66  ? 4   US3 A C6    1 
HETATM 71  C  "C1'" . US3 A 1 4 ? -7.772  0.208   0.077   1.00 7.53  ? 4   US3 A "C1'" 1 
HETATM 72  C  "C2'" . US3 A 1 4 ? -8.151  -1.258  0.262   1.00 8.33  ? 4   US3 A "C2'" 1 
HETATM 73  O  OP2   . US3 A 1 4 ? -6.007  0.754   5.621   1.00 11.48 ? 4   US3 A OP2   1 
HETATM 74  C  "C3'" . US3 A 1 4 ? -8.359  -1.367  1.750   1.00 9.29  ? 4   US3 A "C3'" 1 
HETATM 75  O  "O3'" . US3 A 1 4 ? -9.165  -2.522  2.137   1.00 10.06 ? 4   US3 A "O3'" 1 
HETATM 76  C  "C4'" . US3 A 1 4 ? -9.119  -0.080  2.014   1.00 9.47  ? 4   US3 A "C4'" 1 
HETATM 77  O  "O4'" . US3 A 1 4 ? -8.386  0.850   1.184   1.00 7.43  ? 4   US3 A "O4'" 1 
HETATM 78  C  "C5'" . US3 A 1 4 ? -9.112  0.394   3.453   1.00 9.86  ? 4   US3 A "C5'" 1 
HETATM 79  O  "O5'" . US3 A 1 4 ? -7.748  0.476   3.905   1.00 8.89  ? 4   US3 A "O5'" 1 
HETATM 80  C  C5A   . US3 A 1 4 ? -3.757  1.256   2.792   1.00 9.35  ? 4   US3 A C5A   1 
HETATM 81  O  OP1   . US3 A 1 4 ? -8.468  0.602   6.383   1.00 12.73 ? 4   US3 A OP1   1 
ATOM   82  P  P     . DA  A 1 5 ? -8.461  -3.905  2.552   1.00 11.55 ? 5   DA  A P     1 
ATOM   83  O  OP1   . DA  A 1 5 ? -9.588  -4.701  2.990   1.00 14.36 ? 5   DA  A OP1   1 
ATOM   84  O  OP2   . DA  A 1 5 ? -7.294  -3.652  3.431   1.00 13.82 ? 5   DA  A OP2   1 
ATOM   85  O  "O5'" . DA  A 1 5 ? -7.874  -4.479  1.162   1.00 10.42 ? 5   DA  A "O5'" 1 
ATOM   86  C  "C5'" . DA  A 1 5 ? -8.723  -4.903  0.117   1.00 11.28 ? 5   DA  A "C5'" 1 
ATOM   87  C  "C4'" . DA  A 1 5 ? -7.898  -5.145  -1.138  1.00 11.17 ? 5   DA  A "C4'" 1 
ATOM   88  O  "O4'" . DA  A 1 5 ? -7.264  -3.929  -1.500  1.00 9.39  ? 5   DA  A "O4'" 1 
ATOM   89  C  "C3'" . DA  A 1 5 ? -6.769  -6.102  -0.987  1.00 10.46 ? 5   DA  A "C3'" 1 
ATOM   90  O  "O3'" . DA  A 1 5 ? -7.297  -7.495  -1.045  1.00 12.43 ? 5   DA  A "O3'" 1 
ATOM   91  C  "C2'" . DA  A 1 5 ? -5.971  -5.730  -2.180  1.00 10.57 ? 5   DA  A "C2'" 1 
ATOM   92  C  "C1'" . DA  A 1 5 ? -6.019  -4.232  -2.105  1.00 9.70  ? 5   DA  A "C1'" 1 
ATOM   93  N  N9    . DA  A 1 5 ? -4.922  -3.650  -1.323  1.00 8.09  ? 5   DA  A N9    1 
ATOM   94  C  C8    . DA  A 1 5 ? -4.966  -3.231  -0.004  1.00 7.51  ? 5   DA  A C8    1 
ATOM   95  N  N7    . DA  A 1 5 ? -3.817  -2.754  0.407   1.00 7.86  ? 5   DA  A N7    1 
ATOM   96  C  C5    . DA  A 1 5 ? -2.987  -2.830  -0.676  1.00 7.75  ? 5   DA  A C5    1 
ATOM   97  C  C6    . DA  A 1 5 ? -1.638  -2.508  -0.883  1.00 7.66  ? 5   DA  A C6    1 
ATOM   98  N  N6    . DA  A 1 5 ? -0.863  -1.950  0.040   1.00 8.74  ? 5   DA  A N6    1 
ATOM   99  N  N1    . DA  A 1 5 ? -1.084  -2.779  -2.096  1.00 7.84  ? 5   DA  A N1    1 
ATOM   100 C  C2    . DA  A 1 5 ? -1.801  -3.333  -3.048  1.00 8.02  ? 5   DA  A C2    1 
ATOM   101 N  N3    . DA  A 1 5 ? -3.088  -3.701  -2.963  1.00 8.17  ? 5   DA  A N3    1 
ATOM   102 C  C4    . DA  A 1 5 ? -3.618  -3.419  -1.766  1.00 7.88  ? 5   DA  A C4    1 
ATOM   103 P  P     . DC  A 1 6 ? -6.519  -8.646  -0.242  1.00 13.47 ? 6   DC  A P     1 
ATOM   104 O  OP1   . DC  A 1 6 ? -7.456  -9.778  -0.395  1.00 17.78 ? 6   DC  A OP1   1 
ATOM   105 O  OP2   . DC  A 1 6 ? -6.039  -8.252  1.056   1.00 14.86 ? 6   DC  A OP2   1 
ATOM   106 O  "O5'" . DC  A 1 6 ? -5.250  -8.889  -1.154  1.00 14.25 ? 6   DC  A "O5'" 1 
ATOM   107 C  "C5'" . DC  A 1 6 ? -5.367  -9.309  -2.517  1.00 14.28 ? 6   DC  A "C5'" 1 
ATOM   108 C  "C4'" . DC  A 1 6 ? -3.981  -9.205  -3.224  1.00 14.68 ? 6   DC  A "C4'" 1 
ATOM   109 O  "O4'" . DC  A 1 6 ? -3.590  -7.784  -3.221  1.00 11.61 ? 6   DC  A "O4'" 1 
ATOM   110 C  "C3'" . DC  A 1 6 ? -2.767  -9.778  -2.487  1.00 15.09 ? 6   DC  A "C3'" 1 
ATOM   111 O  "O3'" . DC  A 1 6 ? -2.823  -11.240 -2.754  1.00 15.99 ? 6   DC  A "O3'" 1 
ATOM   112 C  "C2'" . DC  A 1 6 ? -1.642  -9.087  -3.197  1.00 11.63 ? 6   DC  A "C2'" 1 
ATOM   113 C  "C1'" . DC  A 1 6 ? -2.180  -7.695  -3.144  1.00 10.64 ? 6   DC  A "C1'" 1 
ATOM   114 N  N1    . DC  A 1 6 ? -1.846  -7.011  -1.884  1.00 9.11  ? 6   DC  A N1    1 
ATOM   115 C  C2    . DC  A 1 6 ? -0.563  -6.437  -1.766  1.00 8.91  ? 6   DC  A C2    1 
ATOM   116 O  O2    . DC  A 1 6 ? 0.238   -6.643  -2.694  1.00 9.80  ? 6   DC  A O2    1 
ATOM   117 N  N3    . DC  A 1 6 ? -0.209  -5.785  -0.649  1.00 8.48  ? 6   DC  A N3    1 
ATOM   118 C  C4    . DC  A 1 6 ? -1.080  -5.680  0.374   1.00 7.95  ? 6   DC  A C4    1 
ATOM   119 N  N4    . DC  A 1 6 ? -0.719  -4.992  1.441   1.00 8.85  ? 6   DC  A N4    1 
ATOM   120 C  C5    . DC  A 1 6 ? -2.378  -6.274  0.309   1.00 9.10  ? 6   DC  A C5    1 
ATOM   121 C  C6    . DC  A 1 6 ? -2.694  -6.920  -0.829  1.00 9.84  ? 6   DC  A C6    1 
ATOM   122 P  P     . DA  A 1 7 ? -2.085  -12.267 -1.724  1.00 17.64 ? 7   DA  A P     1 
ATOM   123 O  OP1   . DA  A 1 7 ? -2.368  -13.488 -2.435  1.00 23.27 ? 7   DA  A OP1   1 
ATOM   124 O  OP2   . DA  A 1 7 ? -2.515  -11.893 -0.299  1.00 23.45 ? 7   DA  A OP2   1 
ATOM   125 O  "O5'" . DA  A 1 7 ? -0.496  -11.964 -1.789  1.00 13.75 ? 7   DA  A "O5'" 1 
ATOM   126 C  "C5'" . DA  A 1 7 ? 0.104   -12.216 -3.001  1.00 12.91 ? 7   DA  A "C5'" 1 
ATOM   127 C  "C4'" . DA  A 1 7 ? 1.530   -11.614 -2.905  1.00 9.96  ? 7   DA  A "C4'" 1 
ATOM   128 O  "O4'" . DA  A 1 7 ? 1.455   -10.168 -2.722  1.00 9.67  ? 7   DA  A "O4'" 1 
ATOM   129 C  "C3'" . DA  A 1 7 ? 2.450   -12.014 -1.753  1.00 9.36  ? 7   DA  A "C3'" 1 
ATOM   130 O  "O3'" . DA  A 1 7 ? 3.044   -13.284 -2.092  1.00 10.78 ? 7   DA  A "O3'" 1 
ATOM   131 C  "C2'" . DA  A 1 7 ? 3.466   -10.897 -1.799  1.00 8.86  ? 7   DA  A "C2'" 1 
ATOM   132 C  "C1'" . DA  A 1 7 ? 2.569   -9.727  -1.996  1.00 8.83  ? 7   DA  A "C1'" 1 
ATOM   133 N  N9    . DA  A 1 7 ? 2.019   -9.153  -0.740  1.00 8.91  ? 7   DA  A N9    1 
ATOM   134 C  C8    . DA  A 1 7 ? 0.754   -9.225  -0.217  1.00 10.02 ? 7   DA  A C8    1 
ATOM   135 N  N7    . DA  A 1 7 ? 0.674   -8.546  0.922   1.00 9.52  ? 7   DA  A N7    1 
ATOM   136 C  C5    . DA  A 1 7 ? 1.929   -7.954  1.112   1.00 8.24  ? 7   DA  A C5    1 
ATOM   137 C  C6    . DA  A 1 7 ? 2.410   -7.146  2.133   1.00 9.29  ? 7   DA  A C6    1 
ATOM   138 N  N6    . DA  A 1 7 ? 1.676   -6.653  3.132   1.00 9.89  ? 7   DA  A N6    1 
ATOM   139 N  N1    . DA  A 1 7 ? 3.726   -6.775  2.022   1.00 8.85  ? 7   DA  A N1    1 
ATOM   140 C  C2    . DA  A 1 7 ? 4.480   -7.220  1.007   1.00 9.21  ? 7   DA  A C2    1 
ATOM   141 N  N3    . DA  A 1 7 ? 4.119   -7.994  -0.008  1.00 8.19  ? 7   DA  A N3    1 
ATOM   142 C  C4    . DA  A 1 7 ? 2.797   -8.337  0.103   1.00 7.93  ? 7   DA  A C4    1 
ATOM   143 P  P     . DC  A 1 8 ? 3.812   -14.101 -0.980  1.00 12.03 ? 8   DC  A P     1 
ATOM   144 O  OP1   . DC  A 1 8 ? 4.000   -15.399 -1.535  1.00 21.62 ? 8   DC  A OP1   1 
ATOM   145 O  OP2   . DC  A 1 8 ? 3.185   -13.961 0.285   1.00 16.40 ? 8   DC  A OP2   1 
ATOM   146 O  "O5'" . DC  A 1 8 ? 5.217   -13.408 -0.980  1.00 10.58 ? 8   DC  A "O5'" 1 
ATOM   147 C  "C5'" . DC  A 1 8 ? 6.180   -13.746 0.022   1.00 10.23 ? 8   DC  A "C5'" 1 
ATOM   148 C  "C4'" . DC  A 1 8 ? 7.235   -12.652 -0.038  1.00 9.18  ? 8   DC  A "C4'" 1 
ATOM   149 O  "O4'" . DC  A 1 8 ? 6.629   -11.341 0.298   1.00 9.51  ? 8   DC  A "O4'" 1 
ATOM   150 C  "C3'" . DC  A 1 8 ? 8.312   -12.854 1.055   1.00 7.88  ? 8   DC  A "C3'" 1 
ATOM   151 O  "O3'" . DC  A 1 8 ? 9.517   -12.161 0.694   1.00 8.90  ? 8   DC  A "O3'" 1 
ATOM   152 C  "C2'" . DC  A 1 8 ? 7.705   -12.167 2.259   1.00 8.38  ? 8   DC  A "C2'" 1 
ATOM   153 C  "C1'" . DC  A 1 8 ? 7.022   -10.952 1.604   1.00 8.10  ? 8   DC  A "C1'" 1 
ATOM   154 N  N1    . DC  A 1 8 ? 5.811   -10.527 2.338   1.00 8.34  ? 8   DC  A N1    1 
ATOM   155 C  C2    . DC  A 1 8 ? 6.037   -9.653  3.409   1.00 8.42  ? 8   DC  A C2    1 
ATOM   156 O  O2    . DC  A 1 8 ? 7.198   -9.324  3.694   1.00 9.90  ? 8   DC  A O2    1 
ATOM   157 N  N3    . DC  A 1 8 ? 4.974   -9.290  4.163   1.00 8.02  ? 8   DC  A N3    1 
ATOM   158 C  C4    . DC  A 1 8 ? 3.715   -9.730  3.910   1.00 9.18  ? 8   DC  A C4    1 
ATOM   159 N  N4    . DC  A 1 8 ? 2.705   -9.312  4.712   1.00 10.41 ? 8   DC  A N4    1 
ATOM   160 C  C5    . DC  A 1 8 ? 3.483   -10.592 2.833   1.00 8.40  ? 8   DC  A C5    1 
ATOM   161 C  C6    . DC  A 1 8 ? 4.527   -10.981 2.103   1.00 9.24  ? 8   DC  A C6    1 
ATOM   162 O  "O5'" . DG  B 1 1 ? 5.127   -2.177  11.361  1.00 22.89 ? 1   DG  C "O5'" 1 
ATOM   163 C  "C5'" . DG  B 1 1 ? 6.443   -1.951  11.988  1.00 15.74 ? 1   DG  C "C5'" 1 
ATOM   164 C  "C4'" . DG  B 1 1 ? 7.524   -2.775  11.313  1.00 13.63 ? 1   DG  C "C4'" 1 
ATOM   165 O  "O4'" . DG  B 1 1 ? 7.305   -4.248  11.460  1.00 16.77 ? 1   DG  C "O4'" 1 
ATOM   166 C  "C3'" . DG  B 1 1 ? 7.620   -2.595  9.780   1.00 11.79 ? 1   DG  C "C3'" 1 
ATOM   167 O  "O3'" . DG  B 1 1 ? 8.405   -1.459  9.486   1.00 14.04 ? 1   DG  C "O3'" 1 
ATOM   168 C  "C2'" . DG  B 1 1 ? 8.326   -3.897  9.365   1.00 12.77 ? 1   DG  C "C2'" 1 
ATOM   169 C  "C1'" . DG  B 1 1 ? 7.660   -4.952  10.234  1.00 13.27 ? 1   DG  C "C1'" 1 
ATOM   170 N  N9    . DG  B 1 1 ? 6.388   -5.470  9.698   1.00 13.70 ? 1   DG  C N9    1 
ATOM   171 C  C8    . DG  B 1 1 ? 5.093   -5.418  10.233  1.00 16.81 ? 1   DG  C C8    1 
ATOM   172 N  N7    . DG  B 1 1 ? 4.192   -6.034  9.478   1.00 15.78 ? 1   DG  C N7    1 
ATOM   173 C  C5    . DG  B 1 1 ? 4.989   -6.554  8.439   1.00 12.96 ? 1   DG  C C5    1 
ATOM   174 C  C6    . DG  B 1 1 ? 4.605   -7.366  7.356   1.00 12.60 ? 1   DG  C C6    1 
ATOM   175 O  O6    . DG  B 1 1 ? 3.467   -7.743  7.033   1.00 13.16 ? 1   DG  C O6    1 
ATOM   176 N  N1    . DG  B 1 1 ? 5.698   -7.666  6.523   1.00 10.79 ? 1   DG  C N1    1 
ATOM   177 C  C2    . DG  B 1 1 ? 7.002   -7.294  6.748   1.00 9.65  ? 1   DG  C C2    1 
ATOM   178 N  N2    . DG  B 1 1 ? 7.930   -7.707  5.880   1.00 9.42  ? 1   DG  C N2    1 
ATOM   179 N  N3    . DG  B 1 1 ? 7.333   -6.549  7.782   1.00 10.96 ? 1   DG  C N3    1 
ATOM   180 C  C4    . DG  B 1 1 ? 6.290   -6.262  8.565   1.00 11.62 ? 1   DG  C C4    1 
ATOM   181 P  P     . DT  B 1 2 ? 8.214   -0.588  8.213   1.00 13.68 ? 2   DT  C P     1 
ATOM   182 O  OP1   . DT  B 1 2 ? 9.207   0.455   8.339   1.00 15.61 ? 2   DT  C OP1   1 
ATOM   183 O  OP2   . DT  B 1 2 ? 6.747   -0.307  8.033   1.00 15.27 ? 2   DT  C OP2   1 
ATOM   184 O  "O5'" . DT  B 1 2 ? 8.553   -1.595  7.032   1.00 11.74 ? 2   DT  C "O5'" 1 
ATOM   185 C  "C5'" . DT  B 1 2 ? 9.908   -1.976  6.833   1.00 11.16 ? 2   DT  C "C5'" 1 
ATOM   186 C  "C4'" . DT  B 1 2 ? 9.990   -2.858  5.574   1.00 11.10 ? 2   DT  C "C4'" 1 
ATOM   187 O  "O4'" . DT  B 1 2 ? 9.136   -4.020  5.828   1.00 9.76  ? 2   DT  C "O4'" 1 
ATOM   188 C  "C3'" . DT  B 1 2 ? 9.337   -2.304  4.343   1.00 10.98 ? 2   DT  C "C3'" 1 
ATOM   189 O  "O3'" . DT  B 1 2 ? 10.219  -1.475  3.638   1.00 13.07 ? 2   DT  C "O3'" 1 
ATOM   190 C  "C2'" . DT  B 1 2 ? 9.074   -3.569  3.504   1.00 11.44 ? 2   DT  C "C2'" 1 
ATOM   191 C  "C1'" . DT  B 1 2 ? 8.609   -4.481  4.609   1.00 9.56  ? 2   DT  C "C1'" 1 
ATOM   192 N  N1    . DT  B 1 2 ? 7.127   -4.517  4.785   1.00 10.26 ? 2   DT  C N1    1 
ATOM   193 C  C2    . DT  B 1 2 ? 6.420   -5.270  3.827   1.00 9.45  ? 2   DT  C C2    1 
ATOM   194 O  O2    . DT  B 1 2 ? 6.995   -5.824  2.887   1.00 10.89 ? 2   DT  C O2    1 
ATOM   195 N  N3    . DT  B 1 2 ? 5.083   -5.351  3.958   1.00 9.77  ? 2   DT  C N3    1 
ATOM   196 C  C4    . DT  B 1 2 ? 4.361   -4.751  4.951   1.00 10.97 ? 2   DT  C C4    1 
ATOM   197 O  O4    . DT  B 1 2 ? 3.134   -4.947  5.010   1.00 12.34 ? 2   DT  C O4    1 
ATOM   198 C  C5    . DT  B 1 2 ? 5.102   -3.967  5.917   1.00 11.05 ? 2   DT  C C5    1 
ATOM   199 C  C7    . DT  B 1 2 ? 4.340   -3.263  7.030   1.00 11.60 ? 2   DT  C C7    1 
ATOM   200 C  C6    . DT  B 1 2 ? 6.420   -3.915  5.758   1.00 9.90  ? 2   DT  C C6    1 
ATOM   201 P  P     . DG  B 1 3 ? 9.628   -0.286  2.699   1.00 14.77 ? 3   DG  C P     1 
ATOM   202 O  OP1   . DG  B 1 3 ? 10.811  0.471   2.409   1.00 20.69 ? 3   DG  C OP1   1 
ATOM   203 O  OP2   . DG  B 1 3 ? 8.426   0.337   3.280   1.00 17.99 ? 3   DG  C OP2   1 
ATOM   204 O  "O5'" . DG  B 1 3 ? 9.135   -1.049  1.341   1.00 13.46 ? 3   DG  C "O5'" 1 
ATOM   205 C  "C5'" . DG  B 1 3 ? 10.106  -1.606  0.428   1.00 13.97 ? 3   DG  C "C5'" 1 
ATOM   206 C  "C4'" . DG  B 1 3 ? 9.345   -2.380  -0.630  1.00 11.81 ? 3   DG  C "C4'" 1 
ATOM   207 O  "O4'" . DG  B 1 3 ? 8.556   -3.402  0.083   1.00 11.07 ? 3   DG  C "O4'" 1 
ATOM   208 C  "C3'" . DG  B 1 3 ? 8.344   -1.713  -1.495  1.00 9.57  ? 3   DG  C "C3'" 1 
ATOM   209 O  "O3'" . DG  B 1 3 ? 9.040   -1.045  -2.536  1.00 10.10 ? 3   DG  C "O3'" 1 
ATOM   210 C  "C2'" . DG  B 1 3 ? 7.571   -2.979  -1.986  1.00 10.67 ? 3   DG  C "C2'" 1 
ATOM   211 C  "C1'" . DG  B 1 3 ? 7.430   -3.814  -0.745  1.00 9.37  ? 3   DG  C "C1'" 1 
ATOM   212 N  N9    . DG  B 1 3 ? 6.262   -3.516  0.008   1.00 9.27  ? 3   DG  C N9    1 
ATOM   213 C  C8    . DG  B 1 3 ? 6.086   -2.790  1.165   1.00 8.99  ? 3   DG  C C8    1 
ATOM   214 N  N7    . DG  B 1 3 ? 4.837   -2.806  1.607   1.00 9.32  ? 3   DG  C N7    1 
ATOM   215 C  C5    . DG  B 1 3 ? 4.137   -3.606  0.696   1.00 7.81  ? 3   DG  C C5    1 
ATOM   216 C  C6    . DG  B 1 3 ? 2.789   -4.003  0.564   1.00 7.73  ? 3   DG  C C6    1 
ATOM   217 O  O6    . DG  B 1 3 ? 1.873   -3.713  1.367   1.00 9.65  ? 3   DG  C O6    1 
ATOM   218 N  N1    . DG  B 1 3 ? 2.511   -4.740  -0.531  1.00 8.07  ? 3   DG  C N1    1 
ATOM   219 C  C2    . DG  B 1 3 ? 3.449   -5.152  -1.445  1.00 8.08  ? 3   DG  C C2    1 
ATOM   220 N  N2    . DG  B 1 3 ? 3.039   -5.909  -2.470  1.00 8.79  ? 3   DG  C N2    1 
ATOM   221 N  N3    . DG  B 1 3 ? 4.748   -4.806  -1.362  1.00 8.71  ? 3   DG  C N3    1 
ATOM   222 C  C4    . DG  B 1 3 ? 4.995   -4.032  -0.277  1.00 8.27  ? 3   DG  C C4    1 
HETATM 223 P  P     . US3 B 1 4 ? 8.325   0.091   -3.408  1.00 11.85 ? 4   US3 C P     1 
HETATM 224 N  N1    . US3 B 1 4 ? 3.582   -2.397  -4.170  1.00 8.40  ? 4   US3 C N1    1 
HETATM 225 C  C2    . US3 B 1 4 ? 2.224   -2.732  -3.998  1.00 7.66  ? 4   US3 C C2    1 
HETATM 226 SE SE2   . US3 B 1 4 ? 1.261   -3.624  -5.167  1.00 13.67 ? 4   US3 C SE2   1 
HETATM 227 N  N3    . US3 B 1 4 ? 1.690   -2.273  -2.826  1.00 7.99  ? 4   US3 C N3    1 
HETATM 228 C  C4    . US3 B 1 4 ? 2.338   -1.538  -1.884  1.00 9.16  ? 4   US3 C C4    1 
HETATM 229 O  O4    . US3 B 1 4 ? 1.766   -1.190  -0.806  1.00 9.01  ? 4   US3 C O4    1 
HETATM 230 C  C5    . US3 B 1 4 ? 3.713   -1.151  -2.133  1.00 7.12  ? 4   US3 C C5    1 
HETATM 231 C  C6    . US3 B 1 4 ? 4.237   -1.580  -3.264  1.00 8.41  ? 4   US3 C C6    1 
HETATM 232 C  "C1'" . US3 B 1 4 ? 4.264   -2.871  -5.418  1.00 8.85  ? 4   US3 C "C1'" 1 
HETATM 233 C  "C2'" . US3 B 1 4 ? 4.034   -1.912  -6.552  1.00 9.35  ? 4   US3 C "C2'" 1 
HETATM 234 O  OP2   . US3 B 1 4 ? 9.428   0.560   -4.330  1.00 15.65 ? 4   US3 C OP2   1 
HETATM 235 C  "C3'" . US3 B 1 4 ? 5.230   -0.980  -6.413  1.00 9.25  ? 4   US3 C "C3'" 1 
HETATM 236 O  "O3'" . US3 B 1 4 ? 5.591   -0.240  -7.612  1.00 9.74  ? 4   US3 C "O3'" 1 
HETATM 237 C  "C4'" . US3 B 1 4 ? 6.307   -2.013  -6.111  1.00 10.48 ? 4   US3 C "C4'" 1 
HETATM 238 O  "O4'" . US3 B 1 4 ? 5.644   -2.886  -5.159  1.00 9.89  ? 4   US3 C "O4'" 1 
HETATM 239 C  "C5'" . US3 B 1 4 ? 7.575   -1.464  -5.408  1.00 11.26 ? 4   US3 C "C5'" 1 
HETATM 240 O  "O5'" . US3 B 1 4 ? 7.199   -0.660  -4.247  1.00 10.27 ? 4   US3 C "O5'" 1 
HETATM 241 C  C5A   . US3 B 1 4 ? 4.495   -0.293  -1.168  1.00 8.64  ? 4   US3 C C5A   1 
HETATM 242 O  OP1   . US3 B 1 4 ? 7.540   1.051   -2.538  1.00 12.59 ? 4   US3 C OP1   1 
ATOM   243 P  P     . DA  B 1 5 ? 4.945   1.143   -7.950  1.00 10.58 ? 5   DA  C P     1 
ATOM   244 O  OP1   . DA  B 1 5 ? 5.636   1.612   -9.169  1.00 13.42 ? 5   DA  C OP1   1 
ATOM   245 O  OP2   . DA  B 1 5 ? 5.000   1.990   -6.790  1.00 12.61 ? 5   DA  C OP2   1 
ATOM   246 O  "O5'" . DA  B 1 5 ? 3.390   0.877   -8.205  1.00 9.21  ? 5   DA  C "O5'" 1 
ATOM   247 C  "C5'" . DA  B 1 5 ? 2.980   0.116   -9.401  1.00 9.40  ? 5   DA  C "C5'" 1 
ATOM   248 C  "C4'" . DA  B 1 5 ? 1.524   -0.168  -9.331  1.00 9.08  ? 5   DA  C "C4'" 1 
ATOM   249 O  "O4'" . DA  B 1 5 ? 1.216   -0.996  -8.182  1.00 8.25  ? 5   DA  C "O4'" 1 
ATOM   250 C  "C3'" . DA  B 1 5 ? 0.622   1.037   -9.105  1.00 9.42  ? 5   DA  C "C3'" 1 
ATOM   251 O  "O3'" . DA  B 1 5 ? 0.432   1.719   -10.336 1.00 9.08  ? 5   DA  C "O3'" 1 
ATOM   252 C  "C2'" . DA  B 1 5 ? -0.642  0.372   -8.613  1.00 8.61  ? 5   DA  C "C2'" 1 
ATOM   253 C  "C1'" . DA  B 1 5 ? -0.074  -0.658  -7.678  1.00 7.44  ? 5   DA  C "C1'" 1 
ATOM   254 N  N9    . DA  B 1 5 ? 0.115   -0.177  -6.272  1.00 7.66  ? 5   DA  C N9    1 
ATOM   255 C  C8    . DA  B 1 5 ? 1.236   0.401   -5.722  1.00 8.05  ? 5   DA  C C8    1 
ATOM   256 N  N7    . DA  B 1 5 ? 1.067   0.745   -4.452  1.00 8.24  ? 5   DA  C N7    1 
ATOM   257 C  C5    . DA  B 1 5 ? -0.233  0.377   -4.149  1.00 6.97  ? 5   DA  C C5    1 
ATOM   258 C  C6    . DA  B 1 5 ? -1.038  0.513   -3.005  1.00 7.18  ? 5   DA  C C6    1 
ATOM   259 N  N6    . DA  B 1 5 ? -0.592  1.014   -1.860  1.00 7.22  ? 5   DA  C N6    1 
ATOM   260 N  N1    . DA  B 1 5 ? -2.315  0.102   -3.109  1.00 8.11  ? 5   DA  C N1    1 
ATOM   261 C  C2    . DA  B 1 5 ? -2.806  -0.425  -4.250  1.00 8.22  ? 5   DA  C C2    1 
ATOM   262 N  N3    . DA  B 1 5 ? -2.085  -0.606  -5.416  1.00 7.99  ? 5   DA  C N3    1 
ATOM   263 C  C4    . DA  B 1 5 ? -0.840  -0.151  -5.302  1.00 7.09  ? 5   DA  C C4    1 
ATOM   264 P  P     . DC  B 1 6 ? 0.115   3.294   -10.321 1.00 11.61 ? 6   DC  C P     1 
ATOM   265 O  OP1   . DC  B 1 6 ? 0.091   3.670   -11.730 1.00 13.78 ? 6   DC  C OP1   1 
ATOM   266 O  OP2   . DC  B 1 6 ? 1.003   3.989   -9.408  1.00 12.02 ? 6   DC  C OP2   1 
ATOM   267 O  "O5'" . DC  B 1 6 ? -1.325  3.413   -9.724  1.00 10.52 ? 6   DC  C "O5'" 1 
ATOM   268 C  "C5'" . DC  B 1 6 ? -2.474  2.817   -10.350 1.00 11.28 ? 6   DC  C "C5'" 1 
ATOM   269 C  "C4'" . DC  B 1 6 ? -3.696  2.875   -9.481  1.00 11.34 ? 6   DC  C "C4'" 1 
ATOM   270 O  "O4'" . DC  B 1 6 ? -3.403  2.059   -8.294  1.00 10.12 ? 6   DC  C "O4'" 1 
ATOM   271 C  "C3'" . DC  B 1 6 ? -3.996  4.236   -8.821  1.00 13.46 ? 6   DC  C "C3'" 1 
ATOM   272 O  "O3'" . DC  B 1 6 ? -4.600  5.060   -9.870  1.00 15.07 ? 6   DC  C "O3'" 1 
ATOM   273 C  "C2'" . DC  B 1 6 ? -4.887  3.818   -7.698  1.00 9.85  ? 6   DC  C "C2'" 1 
ATOM   274 C  "C1'" . DC  B 1 6 ? -4.008  2.650   -7.166  1.00 10.15 ? 6   DC  C "C1'" 1 
ATOM   275 N  N1    . DC  B 1 6 ? -3.006  3.045   -6.166  1.00 8.86  ? 6   DC  C N1    1 
ATOM   276 C  C2    . DC  B 1 6 ? -3.443  3.176   -4.822  1.00 8.25  ? 6   DC  C C2    1 
ATOM   277 O  O2    . DC  B 1 6 ? -4.647  3.006   -4.632  1.00 10.24 ? 6   DC  C O2    1 
ATOM   278 N  N3    . DC  B 1 6 ? -2.564  3.536   -3.881  1.00 8.03  ? 6   DC  C N3    1 
ATOM   279 C  C4    . DC  B 1 6 ? -1.271  3.731   -4.199  1.00 8.87  ? 6   DC  C C4    1 
ATOM   280 N  N4    . DC  B 1 6 ? -0.441  4.035   -3.208  1.00 9.16  ? 6   DC  C N4    1 
ATOM   281 C  C5    . DC  B 1 6 ? -0.808  3.647   -5.568  1.00 8.72  ? 6   DC  C C5    1 
ATOM   282 C  C6    . DC  B 1 6 ? -1.708  3.303   -6.495  1.00 8.68  ? 6   DC  C C6    1 
ATOM   283 P  P     . DA  B 1 7 ? -4.495  6.682   -9.780  1.00 15.36 ? 7   DA  C P     1 
ATOM   284 O  OP1   . DA  B 1 7 ? -5.088  7.187   -10.995 1.00 19.79 ? 7   DA  C OP1   1 
ATOM   285 O  OP2   . DA  B 1 7 ? -3.152  7.210   -9.272  1.00 18.29 ? 7   DA  C OP2   1 
ATOM   286 O  "O5'" . DA  B 1 7 ? -5.455  7.057   -8.573  1.00 10.66 ? 7   DA  C "O5'" 1 
ATOM   287 C  "C5'" . DA  B 1 7 ? -6.890  6.759   -8.628  1.00 9.73  ? 7   DA  C "C5'" 1 
ATOM   288 C  "C4'" . DA  B 1 7 ? -7.420  6.996   -7.202  1.00 7.94  ? 7   DA  C "C4'" 1 
ATOM   289 O  "O4'" . DA  B 1 7 ? -6.805  6.040   -6.317  1.00 7.57  ? 7   DA  C "O4'" 1 
ATOM   290 C  "C3'" . DA  B 1 7 ? -7.131  8.315   -6.560  1.00 8.72  ? 7   DA  C "C3'" 1 
ATOM   291 O  "O3'" . DA  B 1 7 ? -8.014  9.307   -7.134  1.00 9.72  ? 7   DA  C "O3'" 1 
ATOM   292 C  "C2'" . DA  B 1 7 ? -7.404  8.020   -5.108  1.00 7.82  ? 7   DA  C "C2'" 1 
ATOM   293 C  "C1'" . DA  B 1 7 ? -6.732  6.652   -5.024  1.00 7.63  ? 7   DA  C "C1'" 1 
ATOM   294 N  N9    . DA  B 1 7 ? -5.315  6.759   -4.652  1.00 7.28  ? 7   DA  C N9    1 
ATOM   295 C  C8    . DA  B 1 7 ? -4.215  6.674   -5.464  1.00 7.69  ? 7   DA  C C8    1 
ATOM   296 N  N7    . DA  B 1 7 ? -3.137  6.770   -4.746  1.00 8.27  ? 7   DA  C N7    1 
ATOM   297 C  C5    . DA  B 1 7 ? -3.490  6.914   -3.422  1.00 7.92  ? 7   DA  C C5    1 
ATOM   298 C  C6    . DA  B 1 7 ? -2.763  7.064   -2.177  1.00 7.96  ? 7   DA  C C6    1 
ATOM   299 N  N6    . DA  B 1 7 ? -1.442  7.026   -2.101  1.00 8.20  ? 7   DA  C N6    1 
ATOM   300 N  N1    . DA  B 1 7 ? -3.542  7.211   -1.087  1.00 7.51  ? 7   DA  C N1    1 
ATOM   301 C  C2    . DA  B 1 7 ? -4.874  7.268   -1.172  1.00 7.89  ? 7   DA  C C2    1 
ATOM   302 N  N3    . DA  B 1 7 ? -5.631  7.085   -2.266  1.00 7.55  ? 7   DA  C N3    1 
ATOM   303 C  C4    . DA  B 1 7 ? -4.879  6.954   -3.366  1.00 7.55  ? 7   DA  C C4    1 
ATOM   304 P  P     . DC  B 1 8 ? -7.556  10.870  -7.146  1.00 10.30 ? 8   DC  C P     1 
ATOM   305 O  OP1   . DC  B 1 8 ? -8.551  11.584  -7.948  1.00 13.19 ? 8   DC  C OP1   1 
ATOM   306 O  OP2   . DC  B 1 8 ? -6.121  11.003  -7.491  1.00 11.62 ? 8   DC  C OP2   1 
ATOM   307 O  "O5'" . DC  B 1 8 ? -7.709  11.309  -5.618  1.00 8.40  ? 8   DC  C "O5'" 1 
ATOM   308 C  "C5'" . DC  B 1 8 ? -8.982  11.332  -5.015  1.00 8.64  ? 8   DC  C "C5'" 1 
ATOM   309 C  "C4'" . DC  B 1 8 ? -8.756  11.769  -3.571  1.00 8.80  ? 8   DC  C "C4'" 1 
ATOM   310 O  "O4'" . DC  B 1 8 ? -7.974  10.735  -2.846  1.00 8.57  ? 8   DC  C "O4'" 1 
ATOM   311 C  "C3'" . DC  B 1 8 ? -7.950  13.033  -3.281  1.00 8.34  ? 8   DC  C "C3'" 1 
ATOM   312 O  "O3'" . DC  B 1 8 ? -8.778  14.207  -3.420  1.00 9.09  ? 8   DC  C "O3'" 1 
ATOM   313 C  "C2'" . DC  B 1 8 ? -7.427  12.832  -1.895  1.00 8.00  ? 8   DC  C "C2'" 1 
ATOM   314 C  "C1'" . DC  B 1 8 ? -7.129  11.328  -1.851  1.00 7.91  ? 8   DC  C "C1'" 1 
ATOM   315 N  N1    . DC  B 1 8 ? -5.751  11.009  -2.189  1.00 8.68  ? 8   DC  C N1    1 
ATOM   316 C  C2    . DC  B 1 8 ? -4.835  11.044  -1.130  1.00 8.24  ? 8   DC  C C2    1 
ATOM   317 O  O2    . DC  B 1 8 ? -5.237  11.329  -0.024  1.00 9.91  ? 8   DC  C O2    1 
ATOM   318 N  N3    . DC  B 1 8 ? -3.539  10.728  -1.389  1.00 8.66  ? 8   DC  C N3    1 
ATOM   319 C  C4    . DC  B 1 8 ? -3.123  10.425  -2.637  1.00 8.47  ? 8   DC  C C4    1 
ATOM   320 N  N4    . DC  B 1 8 ? -1.803  10.192  -2.834  1.00 8.64  ? 8   DC  C N4    1 
ATOM   321 C  C5    . DC  B 1 8 ? -4.062  10.414  -3.746  1.00 8.89  ? 8   DC  C C5    1 
ATOM   322 C  C6    . DC  B 1 8 ? -5.341  10.712  -3.462  1.00 8.46  ? 8   DC  C C6    1 
HETATM 323 O  O     . HOH C 2 . ? -5.300  -5.840  2.732   1.00 22.80 ? 101 HOH A O     1 
HETATM 324 O  O     . HOH C 2 . ? 10.550  -10.017 1.969   1.00 11.40 ? 102 HOH A O     1 
HETATM 325 O  O     . HOH C 2 . ? 1.111   -8.053  -4.893  1.00 9.78  ? 103 HOH A O     1 
HETATM 326 O  O     . HOH C 2 . ? -5.389  -1.834  4.615   1.00 19.35 ? 104 HOH A O     1 
HETATM 327 O  O     . HOH C 2 . ? -3.152  -2.221  3.063   1.00 12.50 ? 105 HOH A O     1 
HETATM 328 O  O     . HOH C 2 . ? 0.121   -10.510 4.273   1.00 16.54 ? 106 HOH A O     1 
HETATM 329 O  O     . HOH C 2 . ? 9.403   -7.633  2.639   1.00 13.09 ? 107 HOH A O     1 
HETATM 330 O  O     . HOH C 2 . ? 10.903  -13.377 -1.266  1.00 12.90 ? 108 HOH A O     1 
HETATM 331 O  O     . HOH C 2 . ? 4.034   8.001   5.285   1.00 19.08 ? 109 HOH A O     1 
HETATM 332 O  O     . HOH C 2 . ? 0.818   4.934   0.440   1.00 14.29 ? 110 HOH A O     1 
HETATM 333 O  O     . HOH C 2 . ? -0.608  7.690   10.930  1.00 23.48 ? 111 HOH A O     1 
HETATM 334 O  O     . HOH C 2 . ? -4.432  -4.424  -5.412  1.00 15.28 ? 112 HOH A O     1 
HETATM 335 O  O     . HOH C 2 . ? -4.051  0.866   7.337   1.00 31.74 ? 113 HOH A O     1 
HETATM 336 O  O     . HOH C 2 . ? -0.369  1.589   2.049   1.00 17.55 ? 114 HOH A O     1 
HETATM 337 O  O     . HOH C 2 . ? -6.985  9.460   2.888   1.00 13.11 ? 115 HOH A O     1 
HETATM 338 O  O     . HOH C 2 . ? 0.872   -14.007 1.602   1.00 26.13 ? 116 HOH A O     1 
HETATM 339 O  O     . HOH C 2 . ? -0.818  -0.981  3.112   1.00 18.99 ? 117 HOH A O     1 
HETATM 340 O  O     . HOH C 2 . ? -0.134  5.490   5.715   1.00 31.84 ? 118 HOH A O     1 
HETATM 341 O  O     . HOH C 2 . ? -9.853  -7.549  3.222   1.00 33.69 ? 119 HOH A O     1 
HETATM 342 O  O     . HOH C 2 . ? 3.835   10.064  0.242   1.00 24.31 ? 120 HOH A O     1 
HETATM 343 O  O     . HOH C 2 . ? -12.092 -4.179  2.243   1.00 26.78 ? 121 HOH A O     1 
HETATM 344 O  O     . HOH C 2 . ? -2.698  -4.981  3.720   1.00 17.93 ? 122 HOH A O     1 
HETATM 345 O  O     . HOH C 2 . ? -1.443  -8.746  2.799   1.00 21.55 ? 123 HOH A O     1 
HETATM 346 O  O     . HOH C 2 . ? -5.752  2.620   9.532   1.00 29.65 ? 124 HOH A O     1 
HETATM 347 O  O     . HOH C 2 . ? -2.847  -6.367  -6.765  1.00 20.15 ? 125 HOH A O     1 
HETATM 348 O  O     . HOH C 2 . ? 1.910   8.914   -1.565  1.00 21.51 ? 126 HOH A O     1 
HETATM 349 O  O     . HOH C 2 . ? 4.409   7.646   2.287   1.00 48.67 ? 127 HOH A O     1 
HETATM 350 O  O     . HOH C 2 . ? -0.162  4.453   2.928   1.00 19.00 ? 128 HOH A O     1 
HETATM 351 O  O     . HOH C 2 . ? -3.777  -9.470  1.981   1.00 28.11 ? 129 HOH A O     1 
HETATM 352 O  O     . HOH C 2 . ? -1.049  -6.917  4.596   1.00 24.71 ? 130 HOH A O     1 
HETATM 353 O  O     . HOH C 2 . ? -6.788  11.112  5.204   1.00 12.38 ? 131 HOH A O     1 
HETATM 354 O  O     . HOH C 2 . ? -7.206  9.446   7.303   1.00 15.30 ? 132 HOH A O     1 
HETATM 355 O  O     . HOH C 2 . ? -12.824 -1.578  3.259   1.00 30.35 ? 133 HOH A O     1 
HETATM 356 O  O     . HOH C 2 . ? -1.219  -14.522 -5.526  1.00 37.19 ? 134 HOH A O     1 
HETATM 357 O  O     . HOH C 2 . ? 0.912   8.788   13.000  1.00 16.86 ? 135 HOH A O     1 
HETATM 358 O  O     . HOH C 2 . ? 13.166  -13.719 -2.834  1.00 19.57 ? 136 HOH A O     1 
HETATM 359 O  O     . HOH C 2 . ? -2.674  -13.470 -4.580  1.00 26.22 ? 137 HOH A O     1 
HETATM 360 O  O     . HOH C 2 . ? -6.408  -6.604  -5.609  1.00 30.00 ? 138 HOH A O     1 
HETATM 361 O  O     . HOH C 2 . ? -2.551  -13.317 4.218   1.00 30.00 ? 139 HOH A O     1 
HETATM 362 O  O     . HOH C 2 . ? 0.094   -15.648 3.584   1.00 30.00 ? 140 HOH A O     1 
HETATM 363 O  O     . HOH C 2 . ? 2.352   10.061  -4.129  1.00 30.00 ? 141 HOH A O     1 
HETATM 364 O  O     . HOH C 2 . ? 3.136   5.466   1.417   1.00 30.00 ? 142 HOH A O     1 
HETATM 365 O  O     . HOH C 2 . ? 1.637   6.215   -1.475  1.00 30.00 ? 143 HOH A O     1 
HETATM 366 O  O     . HOH D 2 . ? -1.164  10.021  -5.670  1.00 18.23 ? 101 HOH C O     1 
HETATM 367 O  O     . HOH D 2 . ? -3.337  -2.490  -7.076  1.00 11.99 ? 102 HOH C O     1 
HETATM 368 O  O     . HOH D 2 . ? 2.577   3.755   -6.900  1.00 18.79 ? 103 HOH C O     1 
HETATM 369 O  O     . HOH D 2 . ? 2.833   2.348   -3.062  1.00 15.27 ? 104 HOH C O     1 
HETATM 370 O  O     . HOH D 2 . ? 5.331   2.151   -3.983  1.00 15.98 ? 105 HOH C O     1 
HETATM 371 O  O     . HOH D 2 . ? 1.505   -2.463  3.745   1.00 17.07 ? 106 HOH C O     1 
HETATM 372 O  O     . HOH D 2 . ? 2.351   4.756   -4.358  1.00 22.19 ? 107 HOH C O     1 
HETATM 373 O  O     . HOH D 2 . ? -1.332  2.433   -13.806 1.00 18.82 ? 108 HOH C O     1 
HETATM 374 O  O     . HOH D 2 . ? 6.058   -0.041  5.271   1.00 21.80 ? 109 HOH C O     1 
HETATM 375 O  O     . HOH D 2 . ? 3.991   -1.202  3.713   1.00 19.04 ? 110 HOH C O     1 
HETATM 376 O  O     . HOH D 2 . ? -0.504  7.030   -5.559  1.00 18.58 ? 111 HOH C O     1 
HETATM 377 O  O     . HOH D 2 . ? -6.771  13.112  1.412   1.00 13.76 ? 112 HOH C O     1 
HETATM 378 O  O     . HOH D 2 . ? -0.173  6.451   -8.306  1.00 25.32 ? 113 HOH C O     1 
HETATM 379 O  O     . HOH D 2 . ? 2.065   0.770   1.090   1.00 19.55 ? 114 HOH C O     1 
HETATM 380 O  O     . HOH D 2 . ? 2.277   2.299   -13.099 1.00 22.11 ? 115 HOH C O     1 
HETATM 381 O  O     . HOH D 2 . ? 1.865   2.814   -0.637  1.00 21.78 ? 116 HOH C O     1 
HETATM 382 O  O     . HOH D 2 . ? 6.299   1.250   1.744   1.00 29.86 ? 117 HOH C O     1 
HETATM 383 O  O     . HOH D 2 . ? 7.475   2.519   -0.337  1.00 29.01 ? 118 HOH C O     1 
HETATM 384 O  O     . HOH D 2 . ? 3.835   1.264   2.621   1.00 28.95 ? 119 HOH C O     1 
HETATM 385 O  O     . HOH D 2 . ? 9.248   2.302   -6.424  1.00 33.81 ? 120 HOH C O     1 
HETATM 386 O  O     . HOH D 2 . ? 12.143  1.919   4.260   1.00 27.76 ? 121 HOH C O     1 
HETATM 387 O  O     . HOH D 2 . ? 4.623   3.037   -11.412 1.00 33.32 ? 122 HOH C O     1 
HETATM 388 O  O     . HOH D 2 . ? -11.062 11.007  -8.145  1.00 26.05 ? 123 HOH C O     1 
HETATM 389 O  O     . HOH D 2 . ? 1.133   7.202   -3.692  1.00 29.29 ? 124 HOH C O     1 
HETATM 390 O  O     . HOH D 2 . ? 10.011  -1.496  13.163  1.00 22.68 ? 125 HOH C O     1 
HETATM 391 O  O     . HOH D 2 . ? -3.569  9.809   -7.224  1.00 16.66 ? 126 HOH C O     1 
HETATM 392 O  O     . HOH D 2 . ? 10.082  -5.541  1.059   1.00 12.87 ? 127 HOH C O     1 
HETATM 393 O  O     . HOH D 2 . ? 10.925  -5.477  -1.510  1.00 15.02 ? 128 HOH C O     1 
HETATM 394 O  O     . HOH D 2 . ? -3.237  -0.566  -11.107 1.00 19.34 ? 129 HOH C O     1 
HETATM 395 O  O     . HOH D 2 . ? 4.537   -0.082  9.346   1.00 30.00 ? 130 HOH C O     1 
HETATM 396 O  O     . HOH D 2 . ? 1.144   -5.180  6.830   1.00 30.00 ? 131 HOH C O     1 
# 
